data_6GKT
#
_entry.id   6GKT
#
_cell.length_a   72.823
_cell.length_b   93.296
_cell.length_c   93.068
_cell.angle_alpha   90.00
_cell.angle_beta   108.94
_cell.angle_gamma   90.00
#
_symmetry.space_group_name_H-M   'P 1 21 1'
#
loop_
_entity.id
_entity.type
_entity.pdbx_description
1 polymer Galectin-10
2 non-polymer 'TRIETHYLENE GLYCOL'
3 non-polymer 'TETRAETHYLENE GLYCOL'
4 non-polymer 'HEXAETHYLENE GLYCOL'
5 water water
#
_entity_poly.entity_id   1
_entity_poly.type   'polypeptide(L)'
_entity_poly.pdbx_seq_one_letter_code
;GHMSLLPVPYTEAASLSTGSTVTIKGRPLACFLNEPYLQVDFHTEMKEESDIVFHFQVCFGRRVVMNSREEGAWKQQVES
KNMPFQDGQEFELSISVLPDKYQVMVNGQSSYTFDHRIKPEAVKMVQVWRDISLTKFNVSYLKR
;
_entity_poly.pdbx_strand_id   A,B,C,D,E,F
#
loop_
_chem_comp.id
_chem_comp.type
_chem_comp.name
_chem_comp.formula
P6G non-polymer 'HEXAETHYLENE GLYCOL' 'C12 H26 O7'
PG4 non-polymer 'TETRAETHYLENE GLYCOL' 'C8 H18 O5'
PGE non-polymer 'TRIETHYLENE GLYCOL' 'C6 H14 O4'
#
# COMPACT_ATOMS: atom_id res chain seq x y z
N SER A 4 23.68 -20.47 0.69
CA SER A 4 22.35 -19.89 0.53
C SER A 4 22.37 -18.38 0.21
N LEU A 5 21.56 -18.00 -0.80
CA LEU A 5 21.47 -16.64 -1.29
C LEU A 5 20.55 -15.76 -0.45
N LEU A 6 20.94 -14.48 -0.32
CA LEU A 6 20.19 -13.45 0.38
C LEU A 6 19.25 -12.77 -0.64
N PRO A 7 18.10 -12.21 -0.23
CA PRO A 7 17.26 -11.51 -1.23
C PRO A 7 17.95 -10.26 -1.76
N VAL A 8 17.71 -9.91 -3.04
CA VAL A 8 18.27 -8.72 -3.68
C VAL A 8 17.10 -7.97 -4.39
N PRO A 9 16.79 -6.67 -4.09
CA PRO A 9 17.42 -5.74 -3.12
C PRO A 9 17.50 -6.25 -1.68
N TYR A 10 18.66 -6.08 -1.06
CA TYR A 10 18.86 -6.46 0.33
C TYR A 10 18.88 -5.17 1.18
N THR A 11 18.13 -5.15 2.26
CA THR A 11 18.03 -3.97 3.12
C THR A 11 18.27 -4.38 4.59
N GLU A 12 19.17 -3.70 5.29
CA GLU A 12 19.44 -4.02 6.69
C GLU A 12 19.61 -2.72 7.52
N ALA A 13 19.07 -2.72 8.77
CA ALA A 13 19.24 -1.62 9.72
C ALA A 13 20.70 -1.66 10.18
N ALA A 14 21.38 -0.52 10.19
CA ALA A 14 22.79 -0.47 10.56
C ALA A 14 23.14 0.77 11.36
N SER A 15 24.12 0.63 12.27
CA SER A 15 24.67 1.73 13.07
C SER A 15 26.16 1.68 12.82
N LEU A 16 26.69 2.80 12.28
CA LEU A 16 28.08 2.92 11.91
C LEU A 16 28.76 4.01 12.68
N SER A 17 30.06 3.80 12.96
CA SER A 17 30.97 4.76 13.59
C SER A 17 32.38 4.39 13.16
N THR A 18 33.36 5.22 13.49
CA THR A 18 34.79 4.97 13.19
C THR A 18 35.15 3.58 13.76
N GLY A 19 35.67 2.71 12.89
CA GLY A 19 36.01 1.35 13.28
C GLY A 19 35.01 0.32 12.79
N SER A 20 33.87 0.77 12.25
CA SER A 20 32.87 -0.15 11.68
C SER A 20 33.35 -0.60 10.29
N THR A 21 32.96 -1.81 9.89
CA THR A 21 33.23 -2.42 8.59
C THR A 21 31.97 -3.10 8.11
N VAL A 22 31.59 -2.81 6.85
CA VAL A 22 30.49 -3.43 6.15
C VAL A 22 31.11 -4.38 5.15
N THR A 23 30.84 -5.68 5.31
CA THR A 23 31.35 -6.72 4.40
C THR A 23 30.21 -7.31 3.58
N ILE A 24 30.41 -7.36 2.27
CA ILE A 24 29.49 -7.91 1.29
C ILE A 24 30.21 -8.96 0.44
N LYS A 25 29.61 -10.13 0.29
CA LYS A 25 30.15 -11.18 -0.56
C LYS A 25 29.05 -11.52 -1.61
N GLY A 26 29.42 -11.47 -2.87
CA GLY A 26 28.46 -11.70 -3.94
C GLY A 26 29.09 -11.98 -5.28
N ARG A 27 28.25 -12.08 -6.32
CA ARG A 27 28.72 -12.39 -7.67
C ARG A 27 27.84 -11.62 -8.69
N PRO A 28 28.43 -11.03 -9.76
CA PRO A 28 27.60 -10.38 -10.78
C PRO A 28 26.69 -11.39 -11.50
N LEU A 29 25.48 -10.95 -11.89
CA LEU A 29 24.51 -11.80 -12.57
C LEU A 29 24.75 -11.90 -14.10
N ALA A 30 25.70 -11.13 -14.64
CA ALA A 30 26.03 -11.12 -16.07
C ALA A 30 27.51 -10.96 -16.27
N CYS A 31 28.01 -11.34 -17.47
CA CYS A 31 29.40 -11.20 -17.87
C CYS A 31 29.67 -9.70 -18.03
N PHE A 32 30.94 -9.30 -17.86
CA PHE A 32 31.33 -7.88 -17.93
C PHE A 32 31.01 -7.21 -19.28
N LEU A 33 30.98 -7.98 -20.40
CA LEU A 33 30.58 -7.44 -21.70
C LEU A 33 29.15 -6.82 -21.64
N ASN A 34 28.25 -7.41 -20.84
CA ASN A 34 26.87 -6.95 -20.69
C ASN A 34 26.71 -5.85 -19.63
N GLU A 35 27.82 -5.42 -19.02
CA GLU A 35 27.88 -4.33 -18.04
C GLU A 35 26.84 -4.45 -16.88
N PRO A 36 26.94 -5.51 -16.05
CA PRO A 36 26.03 -5.56 -14.87
C PRO A 36 26.43 -4.45 -13.89
N TYR A 37 25.50 -4.04 -13.02
CA TYR A 37 25.77 -3.04 -12.00
C TYR A 37 25.69 -3.62 -10.60
N LEU A 38 26.32 -2.91 -9.63
CA LEU A 38 26.22 -3.16 -8.20
C LEU A 38 26.02 -1.80 -7.57
N GLN A 39 25.09 -1.69 -6.65
CA GLN A 39 24.85 -0.45 -5.92
C GLN A 39 24.74 -0.72 -4.43
N VAL A 40 25.49 0.06 -3.63
CA VAL A 40 25.49 -0.01 -2.16
C VAL A 40 25.18 1.39 -1.68
N ASP A 41 24.07 1.56 -0.95
CA ASP A 41 23.65 2.88 -0.44
C ASP A 41 23.51 2.89 1.06
N PHE A 42 24.17 3.86 1.73
CA PHE A 42 24.06 4.04 3.20
C PHE A 42 23.03 5.16 3.38
N HIS A 43 21.83 4.79 3.82
CA HIS A 43 20.67 5.71 4.00
C HIS A 43 20.54 6.30 5.40
N THR A 44 19.95 7.50 5.49
CA THR A 44 19.67 8.20 6.78
C THR A 44 18.40 7.66 7.45
N GLU A 45 17.52 6.96 6.72
CA GLU A 45 16.24 6.44 7.26
C GLU A 45 15.92 5.06 6.67
N MET A 46 14.94 4.35 7.27
CA MET A 46 14.47 3.03 6.79
C MET A 46 13.45 3.25 5.63
N LYS A 47 13.84 4.02 4.61
CA LYS A 47 13.03 4.40 3.45
C LYS A 47 13.98 4.50 2.28
N GLU A 48 13.63 3.89 1.14
CA GLU A 48 14.50 3.90 -0.04
C GLU A 48 14.63 5.31 -0.70
N GLU A 49 13.67 6.18 -0.45
CA GLU A 49 13.65 7.56 -0.97
C GLU A 49 14.38 8.54 -0.02
N SER A 50 14.88 8.04 1.14
CA SER A 50 15.61 8.87 2.10
C SER A 50 16.98 9.25 1.57
N ASP A 51 17.59 10.24 2.21
CA ASP A 51 18.91 10.74 1.86
C ASP A 51 19.96 9.66 1.99
N ILE A 52 20.99 9.75 1.14
CA ILE A 52 22.07 8.79 1.08
C ILE A 52 23.39 9.46 1.48
N VAL A 53 23.98 8.97 2.58
CA VAL A 53 25.26 9.47 3.15
C VAL A 53 26.44 9.06 2.24
N PHE A 54 26.38 7.82 1.75
CA PHE A 54 27.39 7.23 0.89
C PHE A 54 26.72 6.30 -0.11
N HIS A 55 26.90 6.59 -1.39
CA HIS A 55 26.41 5.82 -2.52
C HIS A 55 27.63 5.30 -3.25
N PHE A 56 27.69 4.00 -3.47
CA PHE A 56 28.81 3.31 -4.14
C PHE A 56 28.22 2.50 -5.29
N GLN A 57 28.54 2.89 -6.51
CA GLN A 57 27.96 2.22 -7.67
C GLN A 57 29.00 1.71 -8.66
N VAL A 58 29.00 0.40 -8.88
CA VAL A 58 29.92 -0.24 -9.82
C VAL A 58 29.21 -0.52 -11.15
N CYS A 59 29.82 -0.12 -12.27
CA CYS A 59 29.41 -0.61 -13.60
C CYS A 59 30.56 -1.60 -13.96
N PHE A 60 30.34 -2.92 -13.73
CA PHE A 60 31.39 -3.94 -13.83
C PHE A 60 32.13 -3.93 -15.16
N GLY A 61 33.45 -3.81 -15.08
CA GLY A 61 34.35 -3.75 -16.22
C GLY A 61 34.54 -2.37 -16.81
N ARG A 62 33.85 -1.35 -16.28
CA ARG A 62 33.86 0.02 -16.79
C ARG A 62 34.33 1.09 -15.79
N ARG A 63 33.58 1.34 -14.71
CA ARG A 63 33.93 2.38 -13.72
C ARG A 63 33.18 2.22 -12.41
N VAL A 64 33.59 3.01 -11.42
CA VAL A 64 32.95 3.13 -10.13
C VAL A 64 32.65 4.62 -9.92
N VAL A 65 31.45 4.86 -9.44
CA VAL A 65 30.93 6.19 -9.14
C VAL A 65 30.50 6.22 -7.66
N MET A 66 30.90 7.30 -6.96
CA MET A 66 30.55 7.54 -5.55
C MET A 66 29.95 8.90 -5.39
N ASN A 67 28.99 9.04 -4.47
CA ASN A 67 28.30 10.29 -4.29
C ASN A 67 27.48 10.26 -3.00
N SER A 68 26.66 11.31 -2.78
CA SER A 68 25.70 11.44 -1.68
C SER A 68 24.44 12.13 -2.23
N ARG A 69 23.29 11.84 -1.64
CA ARG A 69 22.00 12.43 -2.03
C ARG A 69 21.44 13.12 -0.83
N GLU A 70 21.23 14.40 -0.92
CA GLU A 70 20.74 15.19 0.22
C GLU A 70 19.54 16.03 -0.23
N GLU A 71 18.42 15.98 0.51
CA GLU A 71 17.13 16.63 0.21
C GLU A 71 16.66 16.21 -1.19
N GLY A 72 16.89 14.94 -1.52
CA GLY A 72 16.51 14.32 -2.77
C GLY A 72 17.32 14.65 -4.00
N ALA A 73 18.45 15.37 -3.83
CA ALA A 73 19.33 15.77 -4.94
C ALA A 73 20.77 15.27 -4.76
N TRP A 74 21.31 14.67 -5.84
CA TRP A 74 22.67 14.15 -5.90
C TRP A 74 23.68 15.30 -5.86
N LYS A 75 24.80 15.09 -5.17
CA LYS A 75 25.84 16.12 -5.08
C LYS A 75 26.95 15.87 -6.15
N GLN A 76 28.21 16.16 -5.83
CA GLN A 76 29.36 16.01 -6.73
C GLN A 76 29.78 14.58 -6.80
N GLN A 77 29.72 14.01 -7.98
CA GLN A 77 30.14 12.66 -8.25
C GLN A 77 31.68 12.53 -8.18
N VAL A 78 32.14 11.42 -7.62
CA VAL A 78 33.55 11.04 -7.56
C VAL A 78 33.63 9.77 -8.44
N GLU A 79 34.45 9.81 -9.50
CA GLU A 79 34.61 8.69 -10.41
C GLU A 79 35.97 8.00 -10.26
N SER A 80 35.99 6.66 -10.37
CA SER A 80 37.20 5.86 -10.38
C SER A 80 37.16 4.89 -11.54
N LYS A 81 38.31 4.71 -12.19
CA LYS A 81 38.44 3.74 -13.29
C LYS A 81 39.10 2.45 -12.78
N ASN A 82 39.43 2.40 -11.48
CA ASN A 82 39.98 1.21 -10.84
C ASN A 82 38.92 0.10 -10.85
N MET A 83 39.28 -1.07 -11.39
CA MET A 83 38.36 -2.20 -11.57
C MET A 83 38.98 -3.54 -11.10
N PRO A 84 39.13 -3.76 -9.78
CA PRO A 84 39.71 -5.03 -9.29
C PRO A 84 38.78 -6.25 -9.37
N PHE A 85 37.48 -6.03 -9.64
CA PHE A 85 36.48 -7.09 -9.82
C PHE A 85 36.83 -7.94 -11.04
N GLN A 86 36.71 -9.25 -10.92
CA GLN A 86 37.08 -10.17 -12.00
C GLN A 86 35.84 -10.68 -12.68
N ASP A 87 35.88 -10.79 -14.02
CA ASP A 87 34.77 -11.24 -14.85
C ASP A 87 34.33 -12.65 -14.46
N GLY A 88 33.04 -12.78 -14.15
CA GLY A 88 32.40 -14.04 -13.80
C GLY A 88 32.77 -14.61 -12.45
N GLN A 89 33.42 -13.83 -11.58
CA GLN A 89 33.85 -14.33 -10.28
C GLN A 89 33.11 -13.73 -9.09
N GLU A 90 33.15 -14.46 -7.96
CA GLU A 90 32.63 -14.02 -6.69
C GLU A 90 33.61 -12.95 -6.17
N PHE A 91 33.10 -11.92 -5.51
CA PHE A 91 33.92 -10.86 -4.93
C PHE A 91 33.60 -10.73 -3.43
N GLU A 92 34.51 -10.08 -2.70
CA GLU A 92 34.34 -9.70 -1.31
C GLU A 92 34.64 -8.21 -1.29
N LEU A 93 33.63 -7.43 -0.91
CA LEU A 93 33.70 -5.98 -0.82
C LEU A 93 33.64 -5.60 0.67
N SER A 94 34.62 -4.83 1.14
CA SER A 94 34.68 -4.35 2.52
C SER A 94 34.70 -2.82 2.53
N ILE A 95 33.76 -2.21 3.27
CA ILE A 95 33.70 -0.76 3.42
C ILE A 95 34.00 -0.45 4.87
N SER A 96 35.19 0.14 5.16
CA SER A 96 35.60 0.47 6.52
C SER A 96 35.40 1.97 6.78
N VAL A 97 34.95 2.29 7.98
CA VAL A 97 34.66 3.65 8.41
C VAL A 97 35.84 4.20 9.21
N LEU A 98 36.58 5.13 8.59
CA LEU A 98 37.74 5.78 9.17
C LEU A 98 37.29 7.18 9.66
N PRO A 99 38.09 7.89 10.52
CA PRO A 99 37.65 9.23 11.00
C PRO A 99 37.25 10.25 9.93
N ASP A 100 37.97 10.26 8.79
CA ASP A 100 37.83 11.22 7.68
C ASP A 100 37.22 10.68 6.41
N LYS A 101 37.18 9.34 6.24
CA LYS A 101 36.67 8.74 5.01
C LYS A 101 36.19 7.30 5.16
N TYR A 102 35.61 6.78 4.07
CA TYR A 102 35.29 5.36 3.89
C TYR A 102 36.46 4.82 3.08
N GLN A 103 36.96 3.65 3.43
CA GLN A 103 38.02 2.96 2.71
C GLN A 103 37.39 1.66 2.18
N VAL A 104 37.40 1.49 0.85
CA VAL A 104 36.77 0.34 0.20
C VAL A 104 37.84 -0.62 -0.35
N MET A 105 37.77 -1.88 0.08
CA MET A 105 38.63 -2.97 -0.33
C MET A 105 37.85 -3.93 -1.21
N VAL A 106 38.47 -4.42 -2.29
CA VAL A 106 37.89 -5.42 -3.18
C VAL A 106 38.83 -6.62 -3.19
N ASN A 107 38.39 -7.79 -2.64
CA ASN A 107 39.22 -9.01 -2.60
C ASN A 107 40.59 -8.78 -1.93
N GLY A 108 40.58 -8.07 -0.81
CA GLY A 108 41.80 -7.78 -0.08
C GLY A 108 42.64 -6.63 -0.62
N GLN A 109 42.23 -6.01 -1.74
CA GLN A 109 42.94 -4.89 -2.39
C GLN A 109 42.31 -3.55 -2.02
N SER A 110 43.08 -2.62 -1.43
CA SER A 110 42.57 -1.26 -1.11
C SER A 110 42.32 -0.57 -2.46
N SER A 111 41.07 -0.18 -2.71
CA SER A 111 40.67 0.24 -4.05
C SER A 111 40.00 1.59 -4.22
N TYR A 112 39.15 2.01 -3.27
CA TYR A 112 38.44 3.29 -3.36
C TYR A 112 38.37 3.97 -2.00
N THR A 113 38.30 5.29 -2.01
CA THR A 113 38.13 6.13 -0.80
C THR A 113 37.07 7.18 -1.11
N PHE A 114 36.38 7.63 -0.07
CA PHE A 114 35.37 8.67 -0.17
C PHE A 114 35.36 9.44 1.14
N ASP A 115 35.72 10.72 1.08
CA ASP A 115 35.71 11.60 2.26
C ASP A 115 34.29 11.81 2.79
N HIS A 116 34.12 11.80 4.11
CA HIS A 116 32.80 12.00 4.73
C HIS A 116 32.25 13.37 4.39
N ARG A 117 30.95 13.40 4.03
CA ARG A 117 30.21 14.65 3.75
C ARG A 117 29.27 14.90 4.92
N ILE A 118 28.78 13.81 5.51
CA ILE A 118 27.90 13.77 6.68
C ILE A 118 28.54 12.75 7.63
N LYS A 119 28.39 12.93 8.95
CA LYS A 119 28.90 11.94 9.91
C LYS A 119 28.34 10.51 9.63
N PRO A 120 29.18 9.44 9.70
CA PRO A 120 28.64 8.07 9.49
C PRO A 120 27.57 7.62 10.52
N GLU A 121 27.48 8.32 11.66
CA GLU A 121 26.46 8.06 12.70
C GLU A 121 25.04 8.45 12.22
N ALA A 122 24.92 9.15 11.06
CA ALA A 122 23.62 9.53 10.48
C ALA A 122 22.98 8.33 9.71
N VAL A 123 23.79 7.32 9.39
CA VAL A 123 23.32 6.10 8.69
C VAL A 123 22.41 5.26 9.62
N LYS A 124 21.23 4.87 9.10
CA LYS A 124 20.28 4.01 9.82
C LYS A 124 20.07 2.71 9.08
N MET A 125 20.45 2.70 7.79
CA MET A 125 20.19 1.56 6.92
C MET A 125 21.19 1.42 5.76
N VAL A 126 21.41 0.19 5.32
CA VAL A 126 22.26 -0.13 4.18
C VAL A 126 21.44 -0.94 3.15
N GLN A 127 21.48 -0.52 1.89
CA GLN A 127 20.80 -1.23 0.83
C GLN A 127 21.81 -1.71 -0.21
N VAL A 128 21.69 -2.99 -0.61
CA VAL A 128 22.58 -3.61 -1.61
C VAL A 128 21.68 -4.08 -2.73
N TRP A 129 21.90 -3.56 -3.92
CA TRP A 129 21.03 -3.95 -5.03
C TRP A 129 21.73 -3.86 -6.40
N ARG A 130 20.95 -4.05 -7.46
CA ARG A 130 21.29 -4.12 -8.88
C ARG A 130 21.68 -5.57 -9.22
N ASP A 131 22.52 -5.80 -10.27
CA ASP A 131 22.78 -7.11 -10.91
C ASP A 131 23.80 -8.02 -10.21
N ILE A 132 23.48 -8.42 -8.97
CA ILE A 132 24.34 -9.33 -8.19
C ILE A 132 23.51 -10.37 -7.46
N SER A 133 24.11 -11.53 -7.16
CA SER A 133 23.56 -12.53 -6.24
C SER A 133 24.38 -12.24 -4.96
N LEU A 134 23.77 -12.34 -3.80
CA LEU A 134 24.42 -11.99 -2.54
C LEU A 134 24.49 -13.21 -1.62
N THR A 135 25.67 -13.53 -1.10
CA THR A 135 25.83 -14.68 -0.19
C THR A 135 26.11 -14.26 1.24
N LYS A 136 26.59 -13.04 1.44
CA LYS A 136 26.93 -12.56 2.78
C LYS A 136 26.82 -11.05 2.91
N PHE A 137 26.25 -10.61 4.01
CA PHE A 137 26.15 -9.20 4.38
C PHE A 137 26.41 -9.17 5.88
N ASN A 138 27.41 -8.41 6.28
CA ASN A 138 27.75 -8.28 7.68
C ASN A 138 28.26 -6.89 8.05
N VAL A 139 27.80 -6.37 9.19
CA VAL A 139 28.27 -5.14 9.79
C VAL A 139 29.05 -5.51 11.07
N SER A 140 30.35 -5.19 11.13
CA SER A 140 31.19 -5.50 12.29
C SER A 140 31.90 -4.26 12.82
N TYR A 141 32.43 -4.32 14.05
CA TYR A 141 33.08 -3.20 14.73
C TYR A 141 34.27 -3.68 15.54
N LEU A 142 35.40 -2.95 15.43
CA LEU A 142 36.65 -3.27 16.14
C LEU A 142 37.50 -1.99 16.28
N LYS A 143 37.25 -1.23 17.38
CA LYS A 143 37.94 0.02 17.76
C LYS A 143 37.51 0.45 19.17
N MET B 3 1.27 -15.86 -11.84
CA MET B 3 1.04 -15.54 -10.42
C MET B 3 2.38 -15.41 -9.68
N SER B 4 3.19 -16.50 -9.66
CA SER B 4 4.51 -16.55 -8.99
C SER B 4 5.60 -15.80 -9.76
N LEU B 5 6.64 -15.35 -9.05
CA LEU B 5 7.77 -14.63 -9.63
C LEU B 5 8.72 -15.54 -10.38
N LEU B 6 9.11 -15.07 -11.55
CA LEU B 6 10.02 -15.74 -12.46
C LEU B 6 11.47 -15.40 -12.11
N PRO B 7 12.48 -16.26 -12.40
CA PRO B 7 13.87 -15.86 -12.12
C PRO B 7 14.32 -14.65 -12.95
N VAL B 8 15.16 -13.78 -12.37
CA VAL B 8 15.72 -12.60 -13.05
C VAL B 8 17.25 -12.59 -12.82
N PRO B 9 18.14 -12.61 -13.86
CA PRO B 9 17.89 -12.59 -15.32
C PRO B 9 17.01 -13.74 -15.81
N TYR B 10 16.05 -13.42 -16.68
CA TYR B 10 15.16 -14.36 -17.30
C TYR B 10 15.64 -14.62 -18.73
N THR B 11 15.80 -15.89 -19.08
CA THR B 11 16.31 -16.30 -20.39
C THR B 11 15.36 -17.30 -21.00
N GLU B 12 14.93 -17.05 -22.24
CA GLU B 12 14.06 -17.98 -22.97
C GLU B 12 14.39 -17.98 -24.44
N ALA B 13 14.54 -19.21 -24.99
CA ALA B 13 14.73 -19.49 -26.41
C ALA B 13 13.51 -18.91 -27.13
N ALA B 14 13.72 -18.25 -28.29
CA ALA B 14 12.63 -17.66 -29.04
C ALA B 14 12.90 -17.64 -30.52
N SER B 15 11.83 -17.76 -31.32
CA SER B 15 11.86 -17.67 -32.78
C SER B 15 10.93 -16.58 -33.15
N LEU B 16 11.44 -15.53 -33.81
CA LEU B 16 10.66 -14.37 -34.20
C LEU B 16 10.62 -14.14 -35.68
N SER B 17 9.50 -13.61 -36.14
CA SER B 17 9.24 -13.24 -37.54
C SER B 17 8.13 -12.19 -37.52
N THR B 18 7.81 -11.61 -38.67
CA THR B 18 6.72 -10.65 -38.78
C THR B 18 5.42 -11.33 -38.27
N GLY B 19 4.76 -10.69 -37.31
CA GLY B 19 3.56 -11.24 -36.68
C GLY B 19 3.82 -11.76 -35.27
N SER B 20 5.11 -11.87 -34.87
CA SER B 20 5.44 -12.31 -33.52
C SER B 20 5.29 -11.16 -32.52
N THR B 21 4.91 -11.49 -31.27
CA THR B 21 4.82 -10.54 -30.15
C THR B 21 5.47 -11.17 -28.93
N VAL B 22 6.30 -10.37 -28.25
CA VAL B 22 6.95 -10.76 -26.99
C VAL B 22 6.26 -9.94 -25.91
N THR B 23 5.56 -10.61 -24.98
CA THR B 23 4.83 -9.93 -23.90
C THR B 23 5.51 -10.21 -22.57
N ILE B 24 5.72 -9.15 -21.79
CA ILE B 24 6.37 -9.17 -20.49
C ILE B 24 5.48 -8.43 -19.48
N LYS B 25 5.33 -8.98 -18.29
CA LYS B 25 4.61 -8.34 -17.19
C LYS B 25 5.57 -8.32 -15.99
N GLY B 26 5.76 -7.17 -15.42
CA GLY B 26 6.70 -7.03 -14.31
C GLY B 26 6.55 -5.74 -13.55
N ARG B 27 7.41 -5.53 -12.58
CA ARG B 27 7.35 -4.36 -11.71
C ARG B 27 8.77 -3.92 -11.37
N PRO B 28 9.10 -2.59 -11.40
CA PRO B 28 10.44 -2.16 -10.96
C PRO B 28 10.70 -2.50 -9.48
N LEU B 29 11.95 -2.84 -9.14
CA LEU B 29 12.33 -3.21 -7.78
C LEU B 29 12.59 -2.00 -6.87
N ALA B 30 12.56 -0.79 -7.41
CA ALA B 30 12.84 0.45 -6.65
C ALA B 30 11.95 1.57 -7.16
N CYS B 31 11.74 2.60 -6.35
CA CYS B 31 11.01 3.82 -6.72
C CYS B 31 11.82 4.55 -7.82
N PHE B 32 11.14 5.34 -8.67
CA PHE B 32 11.77 6.05 -9.76
C PHE B 32 12.88 7.02 -9.31
N LEU B 33 12.82 7.57 -8.08
CA LEU B 33 13.85 8.43 -7.52
C LEU B 33 15.24 7.72 -7.53
N ASN B 34 15.25 6.40 -7.28
CA ASN B 34 16.45 5.55 -7.24
C ASN B 34 16.89 5.03 -8.62
N GLU B 35 16.16 5.41 -9.67
CA GLU B 35 16.44 5.08 -11.08
C GLU B 35 16.68 3.58 -11.34
N PRO B 36 15.68 2.72 -11.12
CA PRO B 36 15.88 1.29 -11.47
C PRO B 36 15.94 1.18 -13.00
N TYR B 37 16.54 0.10 -13.50
CA TYR B 37 16.63 -0.17 -14.93
C TYR B 37 15.85 -1.40 -15.31
N LEU B 38 15.55 -1.52 -16.61
CA LEU B 38 14.95 -2.71 -17.24
C LEU B 38 15.71 -2.87 -18.52
N GLN B 39 16.13 -4.08 -18.83
CA GLN B 39 16.80 -4.38 -20.08
C GLN B 39 16.21 -5.62 -20.72
N VAL B 40 15.88 -5.50 -22.01
CA VAL B 40 15.35 -6.60 -22.82
C VAL B 40 16.29 -6.73 -24.01
N ASP B 41 16.90 -7.90 -24.20
CA ASP B 41 17.84 -8.14 -25.28
C ASP B 41 17.45 -9.35 -26.12
N PHE B 42 17.37 -9.15 -27.45
CA PHE B 42 17.05 -10.21 -28.42
C PHE B 42 18.40 -10.63 -28.99
N HIS B 43 18.91 -11.82 -28.58
CA HIS B 43 20.22 -12.37 -28.95
C HIS B 43 20.21 -13.28 -30.16
N THR B 44 21.32 -13.33 -30.89
CA THR B 44 21.51 -14.21 -32.07
C THR B 44 21.86 -15.67 -31.68
N GLU B 45 22.32 -15.90 -30.44
CA GLU B 45 22.72 -17.23 -29.98
C GLU B 45 22.31 -17.45 -28.53
N MET B 46 22.35 -18.72 -28.05
CA MET B 46 22.04 -19.08 -26.66
C MET B 46 23.26 -18.80 -25.76
N LYS B 47 23.81 -17.60 -25.87
CA LYS B 47 25.00 -17.14 -25.15
C LYS B 47 24.78 -15.67 -24.84
N GLU B 48 25.00 -15.25 -23.59
CA GLU B 48 24.80 -13.84 -23.19
C GLU B 48 25.83 -12.86 -23.86
N GLU B 49 26.96 -13.38 -24.32
CA GLU B 49 28.01 -12.59 -24.98
C GLU B 49 27.80 -12.50 -26.51
N SER B 50 26.74 -13.14 -27.02
CA SER B 50 26.43 -13.13 -28.45
C SER B 50 25.88 -11.76 -28.90
N ASP B 51 25.86 -11.53 -30.21
CA ASP B 51 25.32 -10.32 -30.81
C ASP B 51 23.85 -10.10 -30.43
N ILE B 52 23.45 -8.83 -30.35
CA ILE B 52 22.11 -8.43 -29.96
C ILE B 52 21.45 -7.72 -31.14
N VAL B 53 20.38 -8.30 -31.63
CA VAL B 53 19.59 -7.78 -32.76
C VAL B 53 18.81 -6.52 -32.32
N PHE B 54 18.25 -6.56 -31.11
CA PHE B 54 17.46 -5.51 -30.52
C PHE B 54 17.67 -5.46 -29.02
N HIS B 55 18.17 -4.33 -28.56
CA HIS B 55 18.43 -4.03 -27.17
C HIS B 55 17.48 -2.90 -26.80
N PHE B 56 16.69 -3.10 -25.75
CA PHE B 56 15.72 -2.12 -25.26
C PHE B 56 16.02 -1.89 -23.77
N GLN B 57 16.46 -0.68 -23.43
CA GLN B 57 16.84 -0.38 -22.06
C GLN B 57 16.11 0.82 -21.48
N VAL B 58 15.38 0.61 -20.38
CA VAL B 58 14.66 1.67 -19.68
C VAL B 58 15.43 2.10 -18.43
N CYS B 59 15.63 3.42 -18.26
CA CYS B 59 16.07 3.99 -16.98
C CYS B 59 14.78 4.63 -16.48
N PHE B 60 14.05 3.93 -15.57
CA PHE B 60 12.72 4.35 -15.13
C PHE B 60 12.68 5.79 -14.60
N GLY B 61 11.78 6.58 -15.19
CA GLY B 61 11.57 7.99 -14.86
C GLY B 61 12.46 8.95 -15.63
N ARG B 62 13.39 8.42 -16.44
CA ARG B 62 14.38 9.23 -17.15
C ARG B 62 14.34 9.12 -18.68
N ARG B 63 14.68 7.94 -19.26
CA ARG B 63 14.75 7.76 -20.71
C ARG B 63 14.76 6.29 -21.09
N VAL B 64 14.64 6.06 -22.40
CA VAL B 64 14.72 4.75 -23.04
C VAL B 64 15.80 4.84 -24.11
N VAL B 65 16.64 3.83 -24.15
CA VAL B 65 17.73 3.69 -25.10
C VAL B 65 17.55 2.37 -25.87
N MET B 66 17.66 2.42 -27.20
CA MET B 66 17.57 1.26 -28.07
C MET B 66 18.81 1.19 -28.93
N ASN B 67 19.27 -0.03 -29.20
CA ASN B 67 20.50 -0.24 -29.95
C ASN B 67 20.61 -1.69 -30.42
N SER B 68 21.75 -2.02 -31.05
CA SER B 68 22.09 -3.37 -31.48
C SER B 68 23.59 -3.55 -31.20
N ARG B 69 24.02 -4.78 -30.96
CA ARG B 69 25.43 -5.10 -30.75
C ARG B 69 25.79 -6.09 -31.86
N GLU B 70 26.65 -5.64 -32.79
CA GLU B 70 27.05 -6.40 -33.97
C GLU B 70 28.55 -6.55 -34.00
N GLU B 71 29.03 -7.80 -34.18
CA GLU B 71 30.45 -8.17 -34.12
C GLU B 71 31.10 -7.74 -32.78
N GLY B 72 30.34 -7.87 -31.68
CA GLY B 72 30.72 -7.51 -30.32
C GLY B 72 30.76 -6.02 -30.00
N ALA B 73 30.35 -5.16 -30.95
CA ALA B 73 30.37 -3.70 -30.77
C ALA B 73 28.98 -3.06 -30.85
N TRP B 74 28.67 -2.13 -29.94
CA TRP B 74 27.40 -1.39 -29.92
C TRP B 74 27.35 -0.42 -31.09
N LYS B 75 26.18 -0.34 -31.73
CA LYS B 75 26.04 0.55 -32.88
C LYS B 75 25.45 1.91 -32.49
N GLN B 76 24.67 2.56 -33.40
CA GLN B 76 24.07 3.86 -33.19
C GLN B 76 22.92 3.77 -32.21
N GLN B 77 23.04 4.49 -31.10
CA GLN B 77 22.01 4.53 -30.08
C GLN B 77 20.81 5.35 -30.57
N VAL B 78 19.60 4.89 -30.25
CA VAL B 78 18.34 5.59 -30.51
C VAL B 78 17.82 5.91 -29.09
N GLU B 79 17.61 7.19 -28.78
CA GLU B 79 17.12 7.60 -27.47
C GLU B 79 15.69 8.14 -27.56
N SER B 80 14.86 7.78 -26.57
CA SER B 80 13.51 8.30 -26.44
C SER B 80 13.32 8.85 -25.02
N LYS B 81 12.65 9.99 -24.92
CA LYS B 81 12.31 10.59 -23.63
C LYS B 81 10.87 10.24 -23.23
N ASN B 82 10.15 9.49 -24.09
CA ASN B 82 8.79 9.03 -23.78
C ASN B 82 8.87 8.08 -22.56
N MET B 83 8.07 8.35 -21.54
CA MET B 83 8.07 7.61 -20.27
C MET B 83 6.66 7.24 -19.81
N PRO B 84 5.99 6.26 -20.46
CA PRO B 84 4.64 5.86 -20.03
C PRO B 84 4.59 5.03 -18.74
N PHE B 85 5.73 4.49 -18.29
CA PHE B 85 5.84 3.70 -17.07
C PHE B 85 5.51 4.57 -15.85
N GLN B 86 4.74 4.04 -14.91
CA GLN B 86 4.30 4.76 -13.70
C GLN B 86 5.07 4.27 -12.51
N ASP B 87 5.44 5.22 -11.64
CA ASP B 87 6.21 5.00 -10.42
C ASP B 87 5.53 4.01 -9.49
N GLY B 88 6.26 2.95 -9.13
CA GLY B 88 5.83 1.90 -8.22
C GLY B 88 4.76 0.96 -8.75
N GLN B 89 4.51 0.96 -10.06
CA GLN B 89 3.44 0.13 -10.63
C GLN B 89 3.94 -1.01 -11.48
N GLU B 90 3.09 -2.03 -11.60
CA GLU B 90 3.28 -3.18 -12.47
C GLU B 90 3.01 -2.65 -13.91
N PHE B 91 3.76 -3.14 -14.90
CA PHE B 91 3.63 -2.72 -16.30
C PHE B 91 3.44 -3.92 -17.20
N GLU B 92 2.97 -3.68 -18.42
CA GLU B 92 2.88 -4.69 -19.47
C GLU B 92 3.64 -4.18 -20.66
N LEU B 93 4.73 -4.85 -20.96
CA LEU B 93 5.57 -4.50 -22.07
C LEU B 93 5.27 -5.45 -23.23
N SER B 94 4.97 -4.91 -24.39
CA SER B 94 4.64 -5.75 -25.52
C SER B 94 5.52 -5.33 -26.71
N ILE B 95 6.34 -6.26 -27.30
CA ILE B 95 7.23 -5.94 -28.44
C ILE B 95 6.75 -6.74 -29.64
N SER B 96 6.19 -6.04 -30.66
CA SER B 96 5.67 -6.67 -31.88
C SER B 96 6.63 -6.54 -33.04
N VAL B 97 6.77 -7.61 -33.84
CA VAL B 97 7.65 -7.64 -35.01
C VAL B 97 6.83 -7.31 -36.24
N LEU B 98 7.13 -6.16 -36.85
CA LEU B 98 6.47 -5.70 -38.09
C LEU B 98 7.46 -5.92 -39.24
N PRO B 99 7.05 -5.82 -40.54
CA PRO B 99 8.01 -6.10 -41.63
C PRO B 99 9.32 -5.30 -41.59
N ASP B 100 9.22 -4.02 -41.24
CA ASP B 100 10.31 -3.03 -41.24
C ASP B 100 10.85 -2.65 -39.87
N LYS B 101 10.08 -2.90 -38.78
CA LYS B 101 10.50 -2.47 -37.44
C LYS B 101 9.88 -3.26 -36.31
N TYR B 102 10.34 -3.00 -35.08
CA TYR B 102 9.76 -3.44 -33.83
C TYR B 102 8.87 -2.31 -33.37
N GLN B 103 7.66 -2.63 -32.90
CA GLN B 103 6.73 -1.66 -32.33
C GLN B 103 6.59 -2.05 -30.84
N VAL B 104 6.91 -1.12 -29.93
CA VAL B 104 6.89 -1.37 -28.49
C VAL B 104 5.72 -0.65 -27.84
N MET B 105 4.91 -1.43 -27.14
CA MET B 105 3.72 -1.00 -26.40
C MET B 105 3.91 -1.10 -24.92
N VAL B 106 3.43 -0.10 -24.18
CA VAL B 106 3.50 -0.06 -22.72
C VAL B 106 2.10 0.16 -22.26
N ASN B 107 1.54 -0.82 -21.52
CA ASN B 107 0.18 -0.78 -20.97
C ASN B 107 -0.87 -0.51 -22.08
N GLY B 108 -0.68 -1.15 -23.24
CA GLY B 108 -1.58 -1.00 -24.37
C GLY B 108 -1.36 0.22 -25.26
N GLN B 109 -0.38 1.09 -24.92
CA GLN B 109 -0.08 2.30 -25.65
C GLN B 109 1.18 2.16 -26.51
N SER B 110 1.08 2.47 -27.81
CA SER B 110 2.21 2.43 -28.75
C SER B 110 3.20 3.52 -28.30
N SER B 111 4.42 3.11 -27.88
CA SER B 111 5.37 4.00 -27.25
C SER B 111 6.75 4.17 -27.90
N TYR B 112 7.30 3.12 -28.52
CA TYR B 112 8.63 3.16 -29.15
C TYR B 112 8.67 2.34 -30.43
N THR B 113 9.54 2.72 -31.39
CA THR B 113 9.78 1.99 -32.64
C THR B 113 11.28 1.89 -32.88
N PHE B 114 11.69 0.82 -33.55
CA PHE B 114 13.09 0.57 -33.88
C PHE B 114 13.16 -0.20 -35.19
N ASP B 115 13.73 0.42 -36.24
CA ASP B 115 13.86 -0.21 -37.55
C ASP B 115 14.81 -1.40 -37.48
N HIS B 116 14.49 -2.50 -38.18
CA HIS B 116 15.33 -3.69 -38.20
C HIS B 116 16.70 -3.36 -38.83
N ARG B 117 17.76 -3.79 -38.16
CA ARG B 117 19.15 -3.65 -38.62
C ARG B 117 19.63 -5.01 -39.09
N ILE B 118 19.12 -6.07 -38.45
CA ILE B 118 19.34 -7.48 -38.74
C ILE B 118 17.95 -8.11 -38.79
N LYS B 119 17.75 -9.10 -39.67
CA LYS B 119 16.45 -9.77 -39.77
C LYS B 119 16.02 -10.36 -38.40
N PRO B 120 14.74 -10.21 -37.99
CA PRO B 120 14.32 -10.81 -36.70
C PRO B 120 14.44 -12.34 -36.62
N GLU B 121 14.55 -13.02 -37.79
CA GLU B 121 14.74 -14.47 -37.89
C GLU B 121 16.15 -14.92 -37.39
N ALA B 122 17.07 -13.95 -37.14
CA ALA B 122 18.39 -14.21 -36.59
C ALA B 122 18.32 -14.38 -35.05
N VAL B 123 17.22 -13.98 -34.42
CA VAL B 123 17.00 -14.09 -32.95
C VAL B 123 16.80 -15.56 -32.55
N LYS B 124 17.56 -16.01 -31.55
CA LYS B 124 17.46 -17.37 -31.00
C LYS B 124 17.04 -17.33 -29.51
N MET B 125 17.22 -16.18 -28.84
CA MET B 125 16.98 -16.07 -27.40
C MET B 125 16.59 -14.64 -26.98
N VAL B 126 15.77 -14.55 -25.92
CA VAL B 126 15.39 -13.29 -25.32
C VAL B 126 15.86 -13.30 -23.85
N GLN B 127 16.46 -12.23 -23.42
CA GLN B 127 16.87 -12.06 -22.03
C GLN B 127 16.20 -10.81 -21.44
N VAL B 128 15.63 -10.94 -20.24
CA VAL B 128 14.96 -9.85 -19.52
C VAL B 128 15.68 -9.74 -18.19
N TRP B 129 16.25 -8.56 -17.91
CA TRP B 129 17.02 -8.43 -16.68
C TRP B 129 17.07 -6.99 -16.20
N ARG B 130 17.87 -6.77 -15.16
CA ARG B 130 18.07 -5.54 -14.38
C ARG B 130 17.00 -5.48 -13.26
N ASP B 131 16.66 -4.30 -12.78
CA ASP B 131 15.88 -4.04 -11.57
C ASP B 131 14.35 -4.18 -11.68
N ILE B 132 13.90 -5.39 -12.04
CA ILE B 132 12.49 -5.72 -12.12
C ILE B 132 12.22 -7.10 -11.54
N SER B 133 11.01 -7.30 -11.03
CA SER B 133 10.45 -8.61 -10.67
C SER B 133 9.61 -8.94 -11.91
N LEU B 134 9.54 -10.20 -12.29
CA LEU B 134 8.86 -10.60 -13.49
C LEU B 134 7.83 -11.68 -13.16
N THR B 135 6.56 -11.47 -13.58
CA THR B 135 5.49 -12.44 -13.36
C THR B 135 5.08 -13.14 -14.63
N LYS B 136 5.37 -12.56 -15.79
CA LYS B 136 4.93 -13.19 -17.05
C LYS B 136 5.86 -12.89 -18.20
N PHE B 137 6.13 -13.92 -19.00
CA PHE B 137 6.93 -13.83 -20.22
C PHE B 137 6.23 -14.73 -21.22
N ASN B 138 5.90 -14.18 -22.38
CA ASN B 138 5.25 -14.96 -23.41
C ASN B 138 5.66 -14.56 -24.81
N VAL B 139 5.85 -15.56 -25.69
CA VAL B 139 6.10 -15.32 -27.12
C VAL B 139 4.89 -15.88 -27.86
N SER B 140 4.24 -15.04 -28.64
CA SER B 140 3.05 -15.45 -29.40
C SER B 140 3.21 -15.04 -30.88
N TYR B 141 2.43 -15.68 -31.77
CA TYR B 141 2.46 -15.45 -33.22
C TYR B 141 1.04 -15.32 -33.79
N LEU B 142 0.87 -14.34 -34.67
CA LEU B 142 -0.40 -14.07 -35.31
C LEU B 142 -0.22 -13.69 -36.79
N LYS B 143 -0.95 -14.40 -37.66
CA LYS B 143 -1.14 -14.24 -39.12
C LYS B 143 0.14 -14.32 -39.92
N SER C 4 -6.74 19.89 -16.06
CA SER C 4 -8.08 20.28 -16.47
C SER C 4 -9.09 19.13 -16.38
N LEU C 5 -10.25 19.40 -15.77
CA LEU C 5 -11.29 18.40 -15.56
C LEU C 5 -12.18 18.16 -16.76
N LEU C 6 -12.58 16.91 -16.98
CA LEU C 6 -13.50 16.50 -18.03
C LEU C 6 -14.94 16.60 -17.49
N PRO C 7 -15.97 16.82 -18.34
CA PRO C 7 -17.35 16.82 -17.81
C PRO C 7 -17.77 15.43 -17.30
N VAL C 8 -18.59 15.38 -16.24
CA VAL C 8 -19.08 14.13 -15.64
C VAL C 8 -20.62 14.27 -15.46
N PRO C 9 -21.49 13.39 -16.02
CA PRO C 9 -21.21 12.19 -16.86
C PRO C 9 -20.38 12.46 -18.11
N TYR C 10 -19.39 11.57 -18.35
CA TYR C 10 -18.54 11.63 -19.52
C TYR C 10 -18.95 10.53 -20.48
N THR C 11 -19.16 10.88 -21.74
CA THR C 11 -19.63 9.96 -22.78
C THR C 11 -18.69 10.05 -24.00
N GLU C 12 -18.24 8.90 -24.50
CA GLU C 12 -17.36 8.87 -25.65
C GLU C 12 -17.74 7.71 -26.59
N ALA C 13 -17.74 7.99 -27.91
CA ALA C 13 -17.95 6.96 -28.95
C ALA C 13 -16.69 6.16 -28.99
N ALA C 14 -16.80 4.84 -28.85
CA ALA C 14 -15.61 4.00 -28.84
C ALA C 14 -15.84 2.66 -29.57
N SER C 15 -14.76 2.08 -30.10
CA SER C 15 -14.70 0.81 -30.79
C SER C 15 -13.65 0.00 -30.05
N LEU C 16 -14.03 -1.21 -29.62
CA LEU C 16 -13.14 -2.08 -28.88
C LEU C 16 -12.96 -3.40 -29.58
N SER C 17 -11.78 -4.00 -29.40
CA SER C 17 -11.42 -5.34 -29.85
C SER C 17 -10.32 -5.87 -28.93
N THR C 18 -9.98 -7.17 -29.02
CA THR C 18 -8.89 -7.77 -28.26
C THR C 18 -7.63 -6.93 -28.49
N GLY C 19 -7.02 -6.48 -27.40
CA GLY C 19 -5.85 -5.62 -27.50
C GLY C 19 -6.15 -4.17 -27.18
N SER C 20 -7.44 -3.77 -27.11
CA SER C 20 -7.83 -2.41 -26.74
C SER C 20 -7.67 -2.20 -25.24
N THR C 21 -7.38 -0.96 -24.84
CA THR C 21 -7.23 -0.54 -23.44
C THR C 21 -8.02 0.74 -23.24
N VAL C 22 -8.81 0.78 -22.16
CA VAL C 22 -9.57 1.95 -21.74
C VAL C 22 -8.88 2.48 -20.47
N THR C 23 -8.31 3.70 -20.53
CA THR C 23 -7.63 4.34 -19.40
C THR C 23 -8.47 5.50 -18.81
N ILE C 24 -8.72 5.44 -17.51
CA ILE C 24 -9.52 6.45 -16.80
C ILE C 24 -8.75 6.92 -15.58
N LYS C 25 -8.55 8.22 -15.44
CA LYS C 25 -7.84 8.80 -14.29
C LYS C 25 -8.78 9.78 -13.62
N GLY C 26 -9.01 9.58 -12.33
CA GLY C 26 -9.92 10.43 -11.59
C GLY C 26 -9.74 10.39 -10.08
N ARG C 27 -10.67 11.05 -9.37
CA ARG C 27 -10.62 11.14 -7.92
C ARG C 27 -12.06 11.12 -7.36
N PRO C 28 -12.35 10.33 -6.30
CA PRO C 28 -13.71 10.40 -5.70
C PRO C 28 -14.03 11.81 -5.15
N LEU C 29 -15.31 12.22 -5.27
CA LEU C 29 -15.78 13.54 -4.82
C LEU C 29 -16.09 13.61 -3.32
N ALA C 30 -16.04 12.46 -2.62
CA ALA C 30 -16.31 12.39 -1.17
C ALA C 30 -15.36 11.42 -0.54
N CYS C 31 -15.20 11.52 0.79
CA CYS C 31 -14.40 10.59 1.58
C CYS C 31 -15.12 9.24 1.59
N PHE C 32 -14.38 8.15 1.78
CA PHE C 32 -14.93 6.79 1.75
C PHE C 32 -16.03 6.56 2.80
N LEU C 33 -16.02 7.29 3.94
CA LEU C 33 -17.05 7.20 4.98
C LEU C 33 -18.44 7.51 4.37
N ASN C 34 -18.49 8.44 3.39
CA ASN C 34 -19.73 8.87 2.72
C ASN C 34 -20.12 8.00 1.53
N GLU C 35 -19.32 6.94 1.26
CA GLU C 35 -19.54 5.95 0.20
C GLU C 35 -19.83 6.56 -1.19
N PRO C 36 -18.86 7.31 -1.77
CA PRO C 36 -19.07 7.78 -3.15
C PRO C 36 -19.08 6.57 -4.10
N TYR C 37 -19.67 6.73 -5.27
CA TYR C 37 -19.72 5.69 -6.28
C TYR C 37 -18.94 6.10 -7.52
N LEU C 38 -18.57 5.11 -8.34
CA LEU C 38 -17.99 5.27 -9.66
C LEU C 38 -18.71 4.25 -10.53
N GLN C 39 -19.13 4.65 -11.73
CA GLN C 39 -19.75 3.73 -12.66
C GLN C 39 -19.15 3.93 -14.06
N VAL C 40 -18.76 2.80 -14.69
CA VAL C 40 -18.22 2.76 -16.05
C VAL C 40 -19.11 1.78 -16.80
N ASP C 41 -19.77 2.25 -17.87
CA ASP C 41 -20.66 1.41 -18.69
C ASP C 41 -20.26 1.38 -20.14
N PHE C 42 -20.13 0.17 -20.71
CA PHE C 42 -19.79 -0.04 -22.12
C PHE C 42 -21.11 -0.34 -22.83
N HIS C 43 -21.62 0.62 -23.58
CA HIS C 43 -22.92 0.55 -24.26
C HIS C 43 -22.85 0.05 -25.68
N THR C 44 -23.98 -0.55 -26.16
CA THR C 44 -24.14 -1.05 -27.55
C THR C 44 -24.56 0.07 -28.52
N GLU C 45 -25.08 1.18 -28.02
CA GLU C 45 -25.52 2.32 -28.85
C GLU C 45 -25.17 3.67 -28.18
N MET C 46 -25.23 4.77 -28.96
CA MET C 46 -25.02 6.15 -28.45
C MET C 46 -26.33 6.66 -27.77
N LYS C 47 -26.86 5.88 -26.82
CA LYS C 47 -28.11 6.13 -26.09
C LYS C 47 -27.88 5.56 -24.70
N GLU C 48 -28.21 6.34 -23.66
CA GLU C 48 -28.01 5.92 -22.26
C GLU C 48 -28.94 4.76 -21.84
N GLU C 49 -30.06 4.57 -22.53
CA GLU C 49 -31.01 3.50 -22.25
C GLU C 49 -30.68 2.22 -23.06
N SER C 50 -29.61 2.25 -23.87
CA SER C 50 -29.21 1.09 -24.67
C SER C 50 -28.60 -0.01 -23.77
N ASP C 51 -28.48 -1.22 -24.33
CA ASP C 51 -27.89 -2.34 -23.66
C ASP C 51 -26.44 -2.08 -23.25
N ILE C 52 -26.01 -2.70 -22.15
CA ILE C 52 -24.67 -2.53 -21.59
C ILE C 52 -23.97 -3.88 -21.60
N VAL C 53 -22.89 -3.96 -22.37
CA VAL C 53 -22.02 -5.13 -22.56
C VAL C 53 -21.22 -5.38 -21.28
N PHE C 54 -20.75 -4.31 -20.62
CA PHE C 54 -19.96 -4.36 -19.43
C PHE C 54 -20.28 -3.17 -18.54
N HIS C 55 -20.77 -3.45 -17.33
CA HIS C 55 -21.11 -2.44 -16.32
C HIS C 55 -20.15 -2.69 -15.15
N PHE C 56 -19.42 -1.65 -14.73
CA PHE C 56 -18.45 -1.73 -13.63
C PHE C 56 -18.83 -0.67 -12.62
N GLN C 57 -19.21 -1.08 -11.41
CA GLN C 57 -19.67 -0.13 -10.40
C GLN C 57 -18.96 -0.28 -9.09
N VAL C 58 -18.28 0.80 -8.66
CA VAL C 58 -17.55 0.83 -7.39
C VAL C 58 -18.36 1.58 -6.36
N CYS C 59 -18.52 1.00 -5.15
CA CYS C 59 -19.00 1.72 -3.99
C CYS C 59 -17.70 1.83 -3.15
N PHE C 60 -17.02 3.00 -3.21
CA PHE C 60 -15.70 3.20 -2.60
C PHE C 60 -15.66 2.86 -1.13
N GLY C 61 -14.72 1.98 -0.78
CA GLY C 61 -14.52 1.50 0.58
C GLY C 61 -15.39 0.30 0.95
N ARG C 62 -16.31 -0.13 0.04
CA ARG C 62 -17.26 -1.22 0.31
C ARG C 62 -17.16 -2.44 -0.64
N ARG C 63 -17.48 -2.28 -1.92
CA ARG C 63 -17.49 -3.40 -2.87
C ARG C 63 -17.52 -2.91 -4.31
N VAL C 64 -17.34 -3.85 -5.24
CA VAL C 64 -17.41 -3.65 -6.68
C VAL C 64 -18.44 -4.66 -7.21
N VAL C 65 -19.33 -4.16 -8.05
CA VAL C 65 -20.36 -4.95 -8.72
C VAL C 65 -20.17 -4.83 -10.24
N MET C 66 -20.23 -5.97 -10.94
CA MET C 66 -20.11 -6.03 -12.40
C MET C 66 -21.31 -6.80 -12.97
N ASN C 67 -21.81 -6.39 -14.13
CA ASN C 67 -22.97 -7.03 -14.75
C ASN C 67 -23.10 -6.59 -16.23
N SER C 68 -24.19 -6.98 -16.89
CA SER C 68 -24.56 -6.58 -18.26
C SER C 68 -26.09 -6.37 -18.29
N ARG C 69 -26.56 -5.50 -19.16
CA ARG C 69 -27.97 -5.23 -19.30
C ARG C 69 -28.31 -5.58 -20.74
N GLU C 70 -29.14 -6.62 -20.92
CA GLU C 70 -29.51 -7.16 -22.22
C GLU C 70 -31.01 -7.13 -22.36
N GLU C 71 -31.52 -6.53 -23.46
CA GLU C 71 -32.94 -6.32 -23.75
C GLU C 71 -33.62 -5.54 -22.58
N GLY C 72 -32.89 -4.54 -22.06
CA GLY C 72 -33.34 -3.68 -20.95
C GLY C 72 -33.35 -4.29 -19.57
N ALA C 73 -32.89 -5.56 -19.42
CA ALA C 73 -32.88 -6.27 -18.12
C ALA C 73 -31.47 -6.64 -17.66
N TRP C 74 -31.16 -6.38 -16.37
CA TRP C 74 -29.86 -6.72 -15.78
C TRP C 74 -29.74 -8.24 -15.65
N LYS C 75 -28.56 -8.77 -15.96
CA LYS C 75 -28.32 -10.20 -15.87
C LYS C 75 -27.73 -10.57 -14.49
N GLN C 76 -26.92 -11.62 -14.41
CA GLN C 76 -26.32 -12.09 -13.17
C GLN C 76 -25.20 -11.18 -12.71
N GLN C 77 -25.35 -10.65 -11.51
CA GLN C 77 -24.36 -9.77 -10.90
C GLN C 77 -23.13 -10.57 -10.47
N VAL C 78 -21.95 -9.98 -10.63
CA VAL C 78 -20.67 -10.51 -10.17
C VAL C 78 -20.20 -9.50 -9.12
N GLU C 79 -20.00 -9.95 -7.89
CA GLU C 79 -19.54 -9.07 -6.82
C GLU C 79 -18.09 -9.34 -6.42
N SER C 80 -17.32 -8.28 -6.11
CA SER C 80 -15.96 -8.37 -5.58
C SER C 80 -15.83 -7.49 -4.35
N LYS C 81 -15.14 -8.00 -3.33
CA LYS C 81 -14.87 -7.23 -2.12
C LYS C 81 -13.45 -6.64 -2.15
N ASN C 82 -12.68 -6.91 -3.22
CA ASN C 82 -11.36 -6.34 -3.41
C ASN C 82 -11.49 -4.80 -3.52
N MET C 83 -10.70 -4.05 -2.72
CA MET C 83 -10.78 -2.60 -2.64
C MET C 83 -9.38 -1.93 -2.69
N PRO C 84 -8.71 -1.89 -3.87
CA PRO C 84 -7.38 -1.25 -3.93
C PRO C 84 -7.40 0.28 -3.92
N PHE C 85 -8.57 0.89 -4.14
CA PHE C 85 -8.74 2.34 -4.15
C PHE C 85 -8.44 2.92 -2.75
N GLN C 86 -7.72 4.05 -2.71
CA GLN C 86 -7.32 4.66 -1.44
C GLN C 86 -8.16 5.88 -1.18
N ASP C 87 -8.57 6.06 0.07
CA ASP C 87 -9.39 7.16 0.54
C ASP C 87 -8.74 8.52 0.26
N GLY C 88 -9.47 9.38 -0.44
CA GLY C 88 -9.04 10.73 -0.78
C GLY C 88 -7.96 10.85 -1.83
N GLN C 89 -7.68 9.76 -2.55
CA GLN C 89 -6.62 9.76 -3.55
C GLN C 89 -7.10 9.65 -4.98
N GLU C 90 -6.28 10.14 -5.90
CA GLU C 90 -6.47 10.00 -7.33
C GLU C 90 -6.14 8.52 -7.66
N PHE C 91 -6.89 7.93 -8.59
CA PHE C 91 -6.69 6.55 -9.04
C PHE C 91 -6.49 6.56 -10.56
N GLU C 92 -5.94 5.45 -11.07
CA GLU C 92 -5.77 5.20 -12.49
C GLU C 92 -6.38 3.82 -12.74
N LEU C 93 -7.48 3.81 -13.45
CA LEU C 93 -8.25 2.62 -13.77
C LEU C 93 -7.95 2.27 -15.22
N SER C 94 -7.45 1.06 -15.46
CA SER C 94 -7.01 0.56 -16.76
C SER C 94 -7.84 -0.70 -17.12
N ILE C 95 -8.57 -0.68 -18.24
CA ILE C 95 -9.41 -1.80 -18.65
C ILE C 95 -8.84 -2.39 -19.94
N SER C 96 -8.38 -3.65 -19.89
CA SER C 96 -7.81 -4.35 -21.03
C SER C 96 -8.80 -5.33 -21.64
N VAL C 97 -8.93 -5.28 -22.95
CA VAL C 97 -9.83 -6.21 -23.63
C VAL C 97 -9.01 -7.42 -24.05
N LEU C 98 -9.21 -8.53 -23.31
CA LEU C 98 -8.52 -9.80 -23.57
C LEU C 98 -9.45 -10.69 -24.41
N PRO C 99 -8.96 -11.81 -25.02
CA PRO C 99 -9.87 -12.65 -25.83
C PRO C 99 -11.15 -13.15 -25.13
N ASP C 100 -11.03 -13.48 -23.85
CA ASP C 100 -12.09 -14.08 -23.03
C ASP C 100 -12.71 -13.18 -21.96
N LYS C 101 -12.03 -12.09 -21.60
CA LYS C 101 -12.52 -11.22 -20.54
C LYS C 101 -11.99 -9.80 -20.59
N TYR C 102 -12.53 -8.94 -19.70
CA TYR C 102 -12.02 -7.62 -19.40
C TYR C 102 -11.16 -7.82 -18.17
N GLN C 103 -9.96 -7.22 -18.17
CA GLN C 103 -9.06 -7.26 -17.01
C GLN C 103 -8.99 -5.81 -16.52
N VAL C 104 -9.35 -5.58 -15.24
CA VAL C 104 -9.38 -4.24 -14.67
C VAL C 104 -8.16 -4.05 -13.72
N MET C 105 -7.31 -3.07 -14.06
CA MET C 105 -6.14 -2.66 -13.28
C MET C 105 -6.47 -1.37 -12.50
N VAL C 106 -6.07 -1.30 -11.23
CA VAL C 106 -6.21 -0.10 -10.37
C VAL C 106 -4.77 0.21 -9.96
N ASN C 107 -4.25 1.37 -10.42
CA ASN C 107 -2.87 1.84 -10.19
C ASN C 107 -1.86 0.75 -10.60
N GLY C 108 -2.11 0.15 -11.77
CA GLY C 108 -1.30 -0.89 -12.38
C GLY C 108 -1.48 -2.30 -11.82
N GLN C 109 -2.30 -2.47 -10.74
CA GLN C 109 -2.52 -3.77 -10.09
C GLN C 109 -3.78 -4.42 -10.60
N SER C 110 -3.65 -5.67 -11.07
CA SER C 110 -4.72 -6.51 -11.59
C SER C 110 -5.70 -6.72 -10.44
N SER C 111 -6.93 -6.19 -10.57
CA SER C 111 -7.88 -6.20 -9.46
C SER C 111 -9.22 -6.89 -9.70
N TYR C 112 -9.76 -6.79 -10.94
CA TYR C 112 -11.05 -7.39 -11.28
C TYR C 112 -11.02 -7.98 -12.67
N THR C 113 -11.86 -8.99 -12.90
CA THR C 113 -12.05 -9.63 -14.20
C THR C 113 -13.52 -9.83 -14.44
N PHE C 114 -13.91 -9.79 -15.71
CA PHE C 114 -15.29 -10.02 -16.12
C PHE C 114 -15.29 -10.72 -17.46
N ASP C 115 -15.77 -11.98 -17.51
CA ASP C 115 -15.82 -12.74 -18.75
C ASP C 115 -16.79 -12.09 -19.74
N HIS C 116 -16.43 -12.06 -21.02
CA HIS C 116 -17.31 -11.49 -22.06
C HIS C 116 -18.62 -12.29 -22.13
N ARG C 117 -19.71 -11.57 -22.24
CA ARG C 117 -21.06 -12.13 -22.38
C ARG C 117 -21.50 -11.90 -23.82
N ILE C 118 -21.05 -10.78 -24.38
CA ILE C 118 -21.27 -10.31 -25.75
C ILE C 118 -19.88 -9.91 -26.27
N LYS C 119 -19.63 -10.09 -27.58
CA LYS C 119 -18.34 -9.66 -28.16
C LYS C 119 -18.04 -8.18 -27.86
N PRO C 120 -16.77 -7.80 -27.52
CA PRO C 120 -16.46 -6.38 -27.28
C PRO C 120 -16.66 -5.47 -28.51
N GLU C 121 -16.74 -6.05 -29.73
CA GLU C 121 -17.01 -5.33 -30.97
C GLU C 121 -18.46 -4.77 -31.04
N ALA C 122 -19.33 -5.18 -30.09
CA ALA C 122 -20.71 -4.68 -30.00
C ALA C 122 -20.76 -3.30 -29.30
N VAL C 123 -19.69 -2.93 -28.58
CA VAL C 123 -19.57 -1.64 -27.88
C VAL C 123 -19.48 -0.48 -28.89
N LYS C 124 -20.29 0.59 -28.69
CA LYS C 124 -20.25 1.78 -29.54
C LYS C 124 -19.97 3.03 -28.72
N MET C 125 -20.09 2.93 -27.40
CA MET C 125 -19.98 4.08 -26.51
C MET C 125 -19.56 3.63 -25.09
N VAL C 126 -18.80 4.48 -24.43
CA VAL C 126 -18.38 4.31 -23.04
C VAL C 126 -18.90 5.49 -22.21
N GLN C 127 -19.53 5.23 -21.06
CA GLN C 127 -19.98 6.27 -20.17
C GLN C 127 -19.29 6.14 -18.80
N VAL C 128 -18.81 7.25 -18.23
CA VAL C 128 -18.14 7.27 -16.94
C VAL C 128 -18.88 8.30 -16.13
N TRP C 129 -19.42 7.87 -14.98
CA TRP C 129 -20.23 8.77 -14.17
C TRP C 129 -20.25 8.39 -12.70
N ARG C 130 -21.10 9.08 -11.94
CA ARG C 130 -21.31 9.03 -10.49
C ARG C 130 -20.29 9.98 -9.80
N ASP C 131 -19.90 9.73 -8.55
CA ASP C 131 -19.19 10.64 -7.65
C ASP C 131 -17.67 10.73 -7.81
N ILE C 132 -17.25 11.19 -8.99
CA ILE C 132 -15.83 11.37 -9.30
C ILE C 132 -15.57 12.64 -10.13
N SER C 133 -14.35 13.16 -10.01
CA SER C 133 -13.84 14.21 -10.88
C SER C 133 -12.95 13.39 -11.87
N LEU C 134 -12.98 13.75 -13.14
CA LEU C 134 -12.25 13.05 -14.17
C LEU C 134 -11.16 13.90 -14.79
N THR C 135 -9.90 13.41 -14.81
CA THR C 135 -8.81 14.17 -15.44
C THR C 135 -8.36 13.57 -16.77
N LYS C 136 -8.64 12.27 -17.00
CA LYS C 136 -8.22 11.61 -18.24
C LYS C 136 -9.13 10.47 -18.61
N PHE C 137 -9.44 10.35 -19.89
CA PHE C 137 -10.19 9.26 -20.48
C PHE C 137 -9.51 8.99 -21.82
N ASN C 138 -9.07 7.76 -22.02
CA ASN C 138 -8.45 7.38 -23.28
C ASN C 138 -8.77 5.95 -23.71
N VAL C 139 -9.05 5.73 -24.99
CA VAL C 139 -9.23 4.41 -25.60
C VAL C 139 -8.11 4.27 -26.60
N SER C 140 -7.33 3.20 -26.55
CA SER C 140 -6.28 2.98 -27.54
C SER C 140 -6.91 2.55 -28.91
N TYR C 141 -6.28 2.93 -30.06
CA TYR C 141 -6.73 2.51 -31.39
C TYR C 141 -5.61 1.99 -32.28
N SER D 4 -28.38 29.22 -14.34
CA SER D 4 -27.02 28.73 -14.12
C SER D 4 -26.93 27.65 -13.03
N LEU D 5 -26.06 26.65 -13.25
CA LEU D 5 -25.86 25.51 -12.37
C LEU D 5 -24.96 25.78 -11.19
N LEU D 6 -25.33 25.21 -10.03
CA LEU D 6 -24.58 25.29 -8.78
C LEU D 6 -23.57 24.13 -8.73
N PRO D 7 -22.45 24.26 -8.00
CA PRO D 7 -21.50 23.11 -7.94
C PRO D 7 -22.09 21.92 -7.21
N VAL D 8 -21.76 20.69 -7.63
CA VAL D 8 -22.23 19.44 -7.01
C VAL D 8 -21.00 18.53 -6.78
N PRO D 9 -20.64 18.08 -5.54
CA PRO D 9 -21.32 18.31 -4.24
C PRO D 9 -21.52 19.77 -3.86
N TYR D 10 -22.73 20.10 -3.39
CA TYR D 10 -23.07 21.45 -2.93
C TYR D 10 -23.05 21.47 -1.40
N THR D 11 -22.36 22.41 -0.83
CA THR D 11 -22.21 22.56 0.62
C THR D 11 -22.58 23.97 1.06
N GLU D 12 -23.49 24.08 2.04
CA GLU D 12 -23.90 25.37 2.57
C GLU D 12 -24.09 25.30 4.08
N ALA D 13 -23.62 26.34 4.79
CA ALA D 13 -23.80 26.47 6.24
C ALA D 13 -25.30 26.74 6.45
N ALA D 14 -25.91 26.05 7.41
CA ALA D 14 -27.36 26.22 7.67
C ALA D 14 -27.70 26.18 9.13
N SER D 15 -28.71 26.97 9.52
CA SER D 15 -29.25 27.02 10.87
C SER D 15 -30.71 26.71 10.71
N LEU D 16 -31.11 25.58 11.30
CA LEU D 16 -32.47 25.06 11.26
C LEU D 16 -33.11 24.99 12.64
N SER D 17 -34.41 25.25 12.68
CA SER D 17 -35.29 25.18 13.83
C SER D 17 -36.68 24.77 13.28
N THR D 18 -37.67 24.52 14.14
CA THR D 18 -39.07 24.25 13.75
C THR D 18 -39.53 25.45 12.91
N GLY D 19 -40.06 25.18 11.72
CA GLY D 19 -40.47 26.22 10.80
C GLY D 19 -39.52 26.41 9.65
N SER D 20 -38.27 25.88 9.76
CA SER D 20 -37.30 25.97 8.65
C SER D 20 -37.65 24.98 7.54
N THR D 21 -37.28 25.32 6.29
CA THR D 21 -37.43 24.48 5.10
C THR D 21 -36.17 24.63 4.26
N VAL D 22 -35.61 23.50 3.82
CA VAL D 22 -34.48 23.44 2.89
C VAL D 22 -35.09 23.06 1.53
N THR D 23 -35.01 23.95 0.54
CA THR D 23 -35.57 23.73 -0.81
C THR D 23 -34.48 23.62 -1.84
N ILE D 24 -34.55 22.54 -2.61
CA ILE D 24 -33.63 22.28 -3.72
C ILE D 24 -34.40 22.11 -5.02
N LYS D 25 -33.86 22.67 -6.09
CA LYS D 25 -34.38 22.52 -7.44
C LYS D 25 -33.27 21.92 -8.29
N GLY D 26 -33.58 20.81 -8.94
CA GLY D 26 -32.59 20.13 -9.75
C GLY D 26 -33.17 19.16 -10.74
N ARG D 27 -32.28 18.42 -11.40
CA ARG D 27 -32.67 17.45 -12.42
C ARG D 27 -31.72 16.25 -12.36
N PRO D 28 -32.21 15.00 -12.43
CA PRO D 28 -31.27 13.85 -12.44
C PRO D 28 -30.35 13.90 -13.69
N LEU D 29 -29.11 13.43 -13.54
CA LEU D 29 -28.12 13.42 -14.63
C LEU D 29 -28.26 12.22 -15.58
N ALA D 30 -29.17 11.29 -15.28
CA ALA D 30 -29.40 10.09 -16.10
C ALA D 30 -30.87 9.75 -16.10
N CYS D 31 -31.31 8.96 -17.09
CA CYS D 31 -32.67 8.45 -17.19
C CYS D 31 -32.85 7.45 -16.03
N PHE D 32 -34.10 7.25 -15.58
CA PHE D 32 -34.42 6.37 -14.46
C PHE D 32 -33.97 4.92 -14.68
N LEU D 33 -33.89 4.46 -15.95
CA LEU D 33 -33.42 3.10 -16.26
C LEU D 33 -31.98 2.88 -15.69
N ASN D 34 -31.15 3.95 -15.71
CA ASN D 34 -29.77 3.91 -15.24
C ASN D 34 -29.63 4.14 -13.73
N GLU D 35 -30.77 4.34 -13.04
CA GLU D 35 -30.86 4.51 -11.58
C GLU D 35 -29.92 5.59 -11.03
N PRO D 36 -30.09 6.88 -11.44
CA PRO D 36 -29.28 7.92 -10.81
C PRO D 36 -29.69 8.06 -9.32
N TYR D 37 -28.82 8.62 -8.50
CA TYR D 37 -29.07 8.85 -7.08
C TYR D 37 -29.09 10.33 -6.76
N LEU D 38 -29.70 10.67 -5.63
CA LEU D 38 -29.72 12.01 -5.04
C LEU D 38 -29.51 11.77 -3.55
N GLN D 39 -28.63 12.56 -2.95
CA GLN D 39 -28.39 12.46 -1.52
C GLN D 39 -28.37 13.86 -0.90
N VAL D 40 -29.13 14.02 0.19
CA VAL D 40 -29.20 15.25 0.97
C VAL D 40 -28.82 14.85 2.40
N ASP D 41 -27.78 15.48 2.96
CA ASP D 41 -27.32 15.19 4.32
C ASP D 41 -27.25 16.45 5.17
N PHE D 42 -27.87 16.41 6.37
CA PHE D 42 -27.88 17.50 7.35
C PHE D 42 -26.81 17.12 8.38
N HIS D 43 -25.68 17.84 8.37
CA HIS D 43 -24.50 17.58 9.21
C HIS D 43 -24.42 18.44 10.48
N THR D 44 -23.81 17.87 11.52
CA THR D 44 -23.58 18.55 12.80
C THR D 44 -22.38 19.54 12.77
N GLU D 45 -21.45 19.38 11.81
CA GLU D 45 -20.28 20.25 11.68
C GLU D 45 -19.97 20.58 10.21
N MET D 46 -19.09 21.58 9.97
CA MET D 46 -18.64 21.97 8.62
C MET D 46 -17.56 20.99 8.12
N LYS D 47 -17.83 19.67 8.22
CA LYS D 47 -16.93 18.57 7.85
C LYS D 47 -17.81 17.46 7.30
N GLU D 48 -17.45 16.88 6.15
CA GLU D 48 -18.25 15.82 5.50
C GLU D 48 -18.26 14.49 6.28
N GLU D 49 -17.28 14.29 7.17
CA GLU D 49 -17.16 13.09 8.00
C GLU D 49 -17.91 13.27 9.34
N SER D 50 -18.49 14.47 9.61
CA SER D 50 -19.26 14.71 10.83
C SER D 50 -20.55 13.91 10.84
N ASP D 51 -21.18 13.80 12.02
CA ASP D 51 -22.42 13.08 12.21
C ASP D 51 -23.57 13.61 11.35
N ILE D 52 -24.49 12.75 10.96
CA ILE D 52 -25.61 13.14 10.10
C ILE D 52 -26.94 13.04 10.84
N VAL D 53 -27.54 14.20 11.11
CA VAL D 53 -28.81 14.31 11.83
C VAL D 53 -29.95 13.69 10.96
N PHE D 54 -29.90 13.99 9.65
CA PHE D 54 -30.87 13.52 8.68
C PHE D 54 -30.21 13.27 7.33
N HIS D 55 -30.40 12.04 6.85
CA HIS D 55 -29.87 11.52 5.60
C HIS D 55 -31.05 11.13 4.73
N PHE D 56 -31.13 11.72 3.54
CA PHE D 56 -32.22 11.46 2.61
C PHE D 56 -31.62 11.02 1.30
N GLN D 57 -31.87 9.77 0.91
CA GLN D 57 -31.26 9.24 -0.32
C GLN D 57 -32.27 8.65 -1.28
N VAL D 58 -32.31 9.19 -2.48
CA VAL D 58 -33.21 8.72 -3.56
C VAL D 58 -32.44 7.88 -4.53
N CYS D 59 -32.96 6.70 -4.86
CA CYS D 59 -32.51 5.91 -6.01
C CYS D 59 -33.70 6.13 -7.00
N PHE D 60 -33.54 7.07 -7.95
CA PHE D 60 -34.63 7.47 -8.86
C PHE D 60 -35.30 6.30 -9.59
N GLY D 61 -36.61 6.22 -9.46
CA GLY D 61 -37.43 5.18 -10.05
C GLY D 61 -37.53 3.90 -9.24
N ARG D 62 -36.81 3.83 -8.10
CA ARG D 62 -36.75 2.63 -7.25
C ARG D 62 -37.26 2.82 -5.81
N ARG D 63 -36.55 3.60 -4.99
CA ARG D 63 -36.88 3.76 -3.56
C ARG D 63 -36.21 4.97 -2.97
N VAL D 64 -36.59 5.29 -1.74
CA VAL D 64 -36.03 6.35 -0.92
C VAL D 64 -35.66 5.69 0.41
N VAL D 65 -34.47 6.03 0.87
CA VAL D 65 -33.89 5.55 2.13
C VAL D 65 -33.57 6.78 3.00
N MET D 66 -33.96 6.73 4.28
CA MET D 66 -33.67 7.78 5.27
C MET D 66 -33.00 7.15 6.47
N ASN D 67 -32.05 7.87 7.06
CA ASN D 67 -31.29 7.39 8.21
C ASN D 67 -30.57 8.55 8.87
N SER D 68 -29.81 8.25 9.93
CA SER D 68 -28.94 9.16 10.64
C SER D 68 -27.60 8.45 10.87
N ARG D 69 -26.52 9.22 11.00
CA ARG D 69 -25.18 8.69 11.31
C ARG D 69 -24.78 9.32 12.61
N GLU D 70 -24.80 8.51 13.68
CA GLU D 70 -24.52 8.97 15.04
C GLU D 70 -23.27 8.27 15.57
N GLU D 71 -22.28 9.08 16.02
CA GLU D 71 -20.96 8.64 16.52
C GLU D 71 -20.16 7.89 15.44
N GLY D 72 -20.38 8.31 14.19
CA GLY D 72 -19.75 7.73 13.00
C GLY D 72 -20.41 6.44 12.49
N ALA D 73 -21.52 6.02 13.12
CA ALA D 73 -22.25 4.79 12.78
C ALA D 73 -23.64 5.05 12.23
N TRP D 74 -24.05 4.30 11.17
CA TRP D 74 -25.38 4.40 10.56
C TRP D 74 -26.39 3.71 11.45
N LYS D 75 -27.57 4.33 11.63
CA LYS D 75 -28.57 3.76 12.53
C LYS D 75 -29.64 2.95 11.76
N GLN D 76 -30.88 2.89 12.27
CA GLN D 76 -31.99 2.16 11.65
C GLN D 76 -32.47 2.86 10.39
N GLN D 77 -32.38 2.16 9.26
CA GLN D 77 -32.83 2.65 7.98
C GLN D 77 -34.37 2.67 7.92
N VAL D 78 -34.92 3.73 7.32
CA VAL D 78 -36.34 3.91 7.05
C VAL D 78 -36.44 3.90 5.51
N GLU D 79 -37.19 2.95 4.96
CA GLU D 79 -37.35 2.85 3.50
C GLU D 79 -38.76 3.24 3.06
N SER D 80 -38.85 3.90 1.91
CA SER D 80 -40.13 4.24 1.27
C SER D 80 -40.07 3.85 -0.21
N LYS D 81 -41.18 3.34 -0.71
CA LYS D 81 -41.32 2.96 -2.11
C LYS D 81 -42.11 4.03 -2.90
N ASN D 82 -42.55 5.09 -2.19
CA ASN D 82 -43.22 6.24 -2.82
C ASN D 82 -42.21 6.92 -3.76
N MET D 83 -42.61 7.15 -5.01
CA MET D 83 -41.76 7.68 -6.07
C MET D 83 -42.46 8.79 -6.88
N PRO D 84 -42.65 10.00 -6.30
CA PRO D 84 -43.30 11.09 -7.04
C PRO D 84 -42.43 11.74 -8.15
N PHE D 85 -41.10 11.47 -8.14
CA PHE D 85 -40.15 12.01 -9.12
C PHE D 85 -40.47 11.46 -10.52
N GLN D 86 -40.40 12.32 -11.54
CA GLN D 86 -40.72 11.93 -12.92
C GLN D 86 -39.45 11.80 -13.74
N ASP D 87 -39.40 10.77 -14.58
CA ASP D 87 -38.26 10.45 -15.43
C ASP D 87 -37.94 11.61 -16.38
N GLY D 88 -36.68 12.04 -16.33
CA GLY D 88 -36.13 13.10 -17.17
C GLY D 88 -36.61 14.50 -16.86
N GLN D 89 -37.25 14.69 -15.71
CA GLN D 89 -37.79 16.00 -15.36
C GLN D 89 -37.07 16.70 -14.22
N GLU D 90 -37.19 18.03 -14.23
CA GLU D 90 -36.72 18.88 -13.14
C GLU D 90 -37.69 18.67 -11.97
N PHE D 91 -37.15 18.63 -10.74
CA PHE D 91 -37.95 18.46 -9.53
C PHE D 91 -37.69 19.65 -8.59
N GLU D 92 -38.60 19.86 -7.63
CA GLU D 92 -38.45 20.75 -6.49
C GLU D 92 -38.62 19.85 -5.24
N LEU D 93 -37.59 19.80 -4.39
CA LEU D 93 -37.59 19.01 -3.19
C LEU D 93 -37.51 19.93 -1.99
N SER D 94 -38.42 19.76 -1.04
CA SER D 94 -38.37 20.59 0.14
C SER D 94 -38.45 19.73 1.40
N ILE D 95 -37.58 20.02 2.37
CA ILE D 95 -37.52 19.31 3.64
C ILE D 95 -37.85 20.32 4.73
N SER D 96 -39.06 20.19 5.31
CA SER D 96 -39.58 21.06 6.38
C SER D 96 -39.35 20.49 7.75
N VAL D 97 -39.00 21.37 8.68
CA VAL D 97 -38.71 21.02 10.08
C VAL D 97 -39.95 21.27 10.95
N LEU D 98 -40.58 20.19 11.38
CA LEU D 98 -41.77 20.23 12.24
C LEU D 98 -41.30 19.91 13.68
N PRO D 99 -42.12 20.15 14.74
CA PRO D 99 -41.63 19.88 16.11
C PRO D 99 -41.09 18.47 16.37
N ASP D 100 -41.76 17.46 15.80
CA ASP D 100 -41.49 16.02 16.01
C ASP D 100 -40.79 15.31 14.82
N LYS D 101 -40.83 15.90 13.62
CA LYS D 101 -40.27 15.25 12.42
C LYS D 101 -39.91 16.20 11.30
N TYR D 102 -39.26 15.64 10.27
CA TYR D 102 -39.03 16.28 8.99
C TYR D 102 -40.19 15.83 8.11
N GLN D 103 -40.76 16.79 7.39
CA GLN D 103 -41.78 16.52 6.39
C GLN D 103 -41.11 16.83 5.07
N VAL D 104 -41.00 15.82 4.22
CA VAL D 104 -40.42 15.97 2.89
C VAL D 104 -41.55 16.15 1.86
N MET D 105 -41.38 17.10 0.96
CA MET D 105 -42.27 17.41 -0.14
C MET D 105 -41.55 17.27 -1.48
N VAL D 106 -42.23 16.73 -2.50
CA VAL D 106 -41.67 16.61 -3.85
C VAL D 106 -42.69 17.23 -4.76
N ASN D 107 -42.32 18.32 -5.44
CA ASN D 107 -43.19 19.04 -6.38
C ASN D 107 -44.50 19.47 -5.72
N GLY D 108 -44.41 19.94 -4.47
CA GLY D 108 -45.54 20.40 -3.65
C GLY D 108 -46.39 19.30 -3.04
N GLN D 109 -45.98 18.02 -3.19
CA GLN D 109 -46.69 16.86 -2.64
C GLN D 109 -45.98 16.32 -1.40
N SER D 110 -46.69 16.26 -0.26
CA SER D 110 -46.13 15.69 1.00
C SER D 110 -45.90 14.19 0.72
N SER D 111 -44.62 13.77 0.79
CA SER D 111 -44.22 12.44 0.32
C SER D 111 -43.51 11.51 1.33
N TYR D 112 -42.69 12.06 2.22
CA TYR D 112 -41.91 11.28 3.20
C TYR D 112 -41.84 12.00 4.53
N THR D 113 -41.74 11.25 5.63
CA THR D 113 -41.57 11.77 6.99
C THR D 113 -40.45 11.00 7.68
N PHE D 114 -39.80 11.66 8.65
CA PHE D 114 -38.70 11.10 9.43
C PHE D 114 -38.72 11.74 10.80
N ASP D 115 -39.01 10.96 11.85
CA ASP D 115 -39.02 11.46 13.23
C ASP D 115 -37.61 11.90 13.67
N HIS D 116 -37.52 13.02 14.41
CA HIS D 116 -36.23 13.53 14.91
C HIS D 116 -35.56 12.54 15.86
N ARG D 117 -34.27 12.31 15.65
CA ARG D 117 -33.40 11.45 16.45
C ARG D 117 -32.42 12.34 17.20
N ILE D 118 -32.04 13.48 16.60
CA ILE D 118 -31.14 14.52 17.17
C ILE D 118 -31.84 15.87 16.89
N LYS D 119 -31.86 16.82 17.86
CA LYS D 119 -32.50 18.13 17.69
C LYS D 119 -32.06 18.78 16.35
N PRO D 120 -32.97 19.36 15.52
CA PRO D 120 -32.51 19.99 14.25
C PRO D 120 -31.60 21.19 14.46
N GLU D 121 -31.59 21.78 15.68
CA GLU D 121 -30.72 22.91 16.04
C GLU D 121 -29.23 22.51 16.05
N ALA D 122 -28.93 21.18 16.03
CA ALA D 122 -27.57 20.62 15.99
C ALA D 122 -26.99 20.68 14.55
N VAL D 123 -27.83 20.92 13.53
CA VAL D 123 -27.41 21.04 12.14
C VAL D 123 -26.60 22.35 11.93
N LYS D 124 -25.42 22.23 11.31
CA LYS D 124 -24.56 23.38 10.99
C LYS D 124 -24.35 23.49 9.49
N MET D 125 -24.54 22.39 8.75
CA MET D 125 -24.30 22.33 7.31
C MET D 125 -25.26 21.38 6.58
N VAL D 126 -25.55 21.71 5.33
CA VAL D 126 -26.33 20.86 4.44
C VAL D 126 -25.45 20.53 3.23
N GLN D 127 -25.42 19.24 2.85
CA GLN D 127 -24.74 18.80 1.64
C GLN D 127 -25.71 18.15 0.68
N VAL D 128 -25.66 18.55 -0.61
CA VAL D 128 -26.49 17.97 -1.67
C VAL D 128 -25.55 17.38 -2.70
N TRP D 129 -25.69 16.08 -2.98
CA TRP D 129 -24.77 15.45 -3.91
C TRP D 129 -25.37 14.22 -4.61
N ARG D 130 -24.54 13.54 -5.37
CA ARG D 130 -24.79 12.38 -6.23
C ARG D 130 -25.25 12.89 -7.64
N ASP D 131 -26.00 12.09 -8.40
CA ASP D 131 -26.32 12.25 -9.83
C ASP D 131 -27.43 13.26 -10.17
N ILE D 132 -27.22 14.53 -9.78
CA ILE D 132 -28.12 15.62 -10.13
C ILE D 132 -27.35 16.85 -10.60
N SER D 133 -28.04 17.72 -11.38
CA SER D 133 -27.59 19.06 -11.71
C SER D 133 -28.46 19.89 -10.77
N LEU D 134 -27.89 20.92 -10.16
CA LEU D 134 -28.60 21.74 -9.18
C LEU D 134 -28.77 23.17 -9.69
N THR D 135 -30.00 23.68 -9.74
CA THR D 135 -30.25 25.05 -10.19
C THR D 135 -30.59 26.00 -9.04
N LYS D 136 -31.03 25.48 -7.89
CA LYS D 136 -31.43 26.31 -6.75
C LYS D 136 -31.29 25.58 -5.42
N PHE D 137 -30.79 26.30 -4.41
CA PHE D 137 -30.67 25.83 -3.03
C PHE D 137 -31.07 27.01 -2.17
N ASN D 138 -32.07 26.81 -1.32
CA ASN D 138 -32.56 27.86 -0.46
C ASN D 138 -32.98 27.34 0.90
N VAL D 139 -32.65 28.10 1.95
CA VAL D 139 -33.09 27.84 3.32
C VAL D 139 -34.10 28.93 3.67
N SER D 140 -35.35 28.54 3.96
CA SER D 140 -36.39 29.49 4.32
C SER D 140 -36.97 29.17 5.70
N TYR D 141 -37.72 30.11 6.29
CA TYR D 141 -38.31 29.97 7.60
C TYR D 141 -39.72 30.57 7.62
N LEU D 142 -40.66 29.84 8.22
CA LEU D 142 -42.04 30.29 8.35
C LEU D 142 -42.63 29.99 9.74
N LYS D 143 -43.25 31.02 10.35
CA LYS D 143 -44.06 31.08 11.57
C LYS D 143 -43.26 31.04 12.84
N SER E 4 -13.59 0.50 6.40
CA SER E 4 -13.37 0.07 7.77
C SER E 4 -12.24 -0.97 7.91
N LEU E 5 -11.36 -0.75 8.90
CA LEU E 5 -10.24 -1.61 9.33
C LEU E 5 -10.80 -2.94 9.87
N LEU E 6 -9.97 -3.99 9.85
CA LEU E 6 -10.32 -5.31 10.36
C LEU E 6 -9.98 -5.38 11.85
N PRO E 7 -10.66 -6.22 12.68
CA PRO E 7 -10.28 -6.29 14.10
C PRO E 7 -8.87 -6.88 14.27
N VAL E 8 -8.13 -6.41 15.27
CA VAL E 8 -6.77 -6.88 15.57
C VAL E 8 -6.73 -7.17 17.10
N PRO E 9 -6.40 -8.41 17.57
CA PRO E 9 -6.03 -9.64 16.83
C PRO E 9 -7.08 -10.10 15.82
N TYR E 10 -6.61 -10.49 14.62
CA TYR E 10 -7.47 -11.00 13.57
C TYR E 10 -7.30 -12.52 13.52
N THR E 11 -8.42 -13.25 13.53
CA THR E 11 -8.42 -14.70 13.53
C THR E 11 -9.30 -15.22 12.38
N GLU E 12 -8.77 -16.14 11.57
CA GLU E 12 -9.53 -16.74 10.48
C GLU E 12 -9.20 -18.24 10.39
N ALA E 13 -10.23 -19.07 10.19
CA ALA E 13 -10.09 -20.52 9.99
C ALA E 13 -9.53 -20.67 8.58
N ALA E 14 -8.51 -21.53 8.42
CA ALA E 14 -7.84 -21.69 7.13
C ALA E 14 -7.41 -23.13 6.87
N SER E 15 -7.41 -23.50 5.59
CA SER E 15 -6.95 -24.80 5.11
C SER E 15 -5.89 -24.47 4.06
N LEU E 16 -4.66 -24.91 4.33
CA LEU E 16 -3.52 -24.63 3.49
C LEU E 16 -2.91 -25.89 2.90
N SER E 17 -2.39 -25.75 1.68
CA SER E 17 -1.68 -26.80 0.97
C SER E 17 -0.79 -26.10 -0.06
N THR E 18 0.00 -26.90 -0.79
CA THR E 18 0.87 -26.41 -1.85
C THR E 18 0.06 -25.56 -2.84
N GLY E 19 0.49 -24.31 -3.03
CA GLY E 19 -0.20 -23.41 -3.94
C GLY E 19 -1.07 -22.39 -3.24
N SER E 20 -1.31 -22.55 -1.91
CA SER E 20 -2.08 -21.57 -1.13
C SER E 20 -1.25 -20.32 -0.88
N THR E 21 -1.94 -19.17 -0.81
CA THR E 21 -1.31 -17.88 -0.49
C THR E 21 -2.13 -17.19 0.56
N VAL E 22 -1.46 -16.53 1.49
CA VAL E 22 -2.07 -15.74 2.55
C VAL E 22 -1.58 -14.30 2.35
N THR E 23 -2.48 -13.37 2.03
CA THR E 23 -2.15 -11.96 1.76
C THR E 23 -2.71 -11.09 2.84
N ILE E 24 -1.84 -10.21 3.38
CA ILE E 24 -2.16 -9.25 4.43
C ILE E 24 -1.69 -7.86 3.95
N LYS E 25 -2.55 -6.88 4.12
CA LYS E 25 -2.23 -5.50 3.85
C LYS E 25 -2.46 -4.78 5.17
N GLY E 26 -1.57 -3.88 5.50
CA GLY E 26 -1.67 -3.13 6.75
C GLY E 26 -0.67 -2.01 6.84
N ARG E 27 -0.67 -1.33 8.00
CA ARG E 27 0.21 -0.22 8.26
C ARG E 27 0.66 -0.26 9.72
N PRO E 28 1.97 -0.07 10.03
CA PRO E 28 2.37 -0.05 11.45
C PRO E 28 1.71 1.12 12.20
N LEU E 29 1.40 0.92 13.49
CA LEU E 29 0.71 1.93 14.32
C LEU E 29 1.67 2.99 14.91
N ALA E 30 2.99 2.88 14.62
CA ALA E 30 4.01 3.79 15.12
C ALA E 30 5.13 3.90 14.12
N CYS E 31 5.94 4.97 14.20
CA CYS E 31 7.13 5.19 13.40
C CYS E 31 8.16 4.13 13.82
N PHE E 32 9.08 3.76 12.91
CA PHE E 32 10.09 2.73 13.16
C PHE E 32 10.99 3.04 14.38
N LEU E 33 11.20 4.34 14.72
CA LEU E 33 11.98 4.75 15.91
C LEU E 33 11.38 4.12 17.20
N ASN E 34 10.04 3.99 17.25
CA ASN E 34 9.30 3.44 18.39
C ASN E 34 9.17 1.90 18.36
N GLU E 35 9.74 1.25 17.32
CA GLU E 35 9.80 -0.19 17.14
C GLU E 35 8.45 -0.91 17.26
N PRO E 36 7.49 -0.63 16.35
CA PRO E 36 6.22 -1.38 16.40
C PRO E 36 6.50 -2.82 15.94
N TYR E 37 5.63 -3.78 16.31
CA TYR E 37 5.74 -5.18 15.91
C TYR E 37 4.59 -5.63 15.04
N LEU E 38 4.80 -6.71 14.29
CA LEU E 38 3.80 -7.43 13.52
C LEU E 38 4.03 -8.92 13.80
N GLN E 39 2.95 -9.67 14.03
CA GLN E 39 3.04 -11.11 14.24
C GLN E 39 1.96 -11.85 13.45
N VAL E 40 2.38 -12.88 12.70
CA VAL E 40 1.51 -13.73 11.91
C VAL E 40 1.80 -15.15 12.39
N ASP E 41 0.77 -15.86 12.88
CA ASP E 41 0.90 -17.23 13.39
C ASP E 41 -0.06 -18.18 12.69
N PHE E 42 0.47 -19.29 12.17
CA PHE E 42 -0.32 -20.37 11.54
C PHE E 42 -0.45 -21.46 12.62
N HIS E 43 -1.67 -21.59 13.21
CA HIS E 43 -1.97 -22.52 14.31
C HIS E 43 -2.53 -23.87 13.89
N THR E 44 -2.28 -24.92 14.70
CA THR E 44 -2.80 -26.29 14.48
C THR E 44 -4.26 -26.45 14.96
N GLU E 45 -4.75 -25.56 15.83
CA GLU E 45 -6.12 -25.62 16.37
C GLU E 45 -6.75 -24.23 16.48
N MET E 46 -8.09 -24.18 16.68
CA MET E 46 -8.86 -22.92 16.83
C MET E 46 -8.71 -22.42 18.28
N LYS E 47 -7.47 -22.34 18.78
CA LYS E 47 -7.12 -21.94 20.15
C LYS E 47 -5.81 -21.17 20.04
N GLU E 48 -5.72 -19.99 20.67
CA GLU E 48 -4.51 -19.17 20.60
C GLU E 48 -3.29 -19.80 21.31
N GLU E 49 -3.55 -20.73 22.26
CA GLU E 49 -2.50 -21.43 23.01
C GLU E 49 -2.05 -22.72 22.30
N SER E 50 -2.65 -23.05 21.14
CA SER E 50 -2.29 -24.23 20.36
C SER E 50 -0.92 -24.09 19.71
N ASP E 51 -0.36 -25.22 19.25
CA ASP E 51 0.91 -25.26 18.55
C ASP E 51 0.89 -24.40 17.29
N ILE E 52 2.07 -23.86 16.93
CA ILE E 52 2.23 -22.96 15.81
C ILE E 52 3.17 -23.58 14.80
N VAL E 53 2.65 -23.83 13.60
CA VAL E 53 3.36 -24.44 12.48
C VAL E 53 4.39 -23.43 11.90
N PHE E 54 3.96 -22.16 11.80
CA PHE E 54 4.75 -21.08 11.26
C PHE E 54 4.44 -19.79 12.00
N HIS E 55 5.46 -19.24 12.64
CA HIS E 55 5.40 -17.98 13.37
C HIS E 55 6.31 -17.01 12.63
N PHE E 56 5.77 -15.86 12.24
CA PHE E 56 6.50 -14.82 11.51
C PHE E 56 6.36 -13.51 12.32
N GLN E 57 7.47 -13.04 12.89
CA GLN E 57 7.47 -11.84 13.73
C GLN E 57 8.42 -10.74 13.27
N VAL E 58 7.85 -9.57 12.97
CA VAL E 58 8.59 -8.39 12.52
C VAL E 58 8.71 -7.40 13.66
N CYS E 59 9.94 -6.93 13.91
CA CYS E 59 10.17 -5.78 14.75
C CYS E 59 10.53 -4.77 13.67
N PHE E 60 9.57 -3.92 13.28
CA PHE E 60 9.76 -2.93 12.19
C PHE E 60 10.97 -2.08 12.39
N GLY E 61 11.85 -2.08 11.39
CA GLY E 61 13.11 -1.33 11.37
C GLY E 61 14.28 -2.06 11.98
N ARG E 62 14.07 -3.31 12.49
CA ARG E 62 15.17 -4.04 13.12
C ARG E 62 15.45 -5.42 12.51
N ARG E 63 14.57 -6.37 12.72
CA ARG E 63 14.78 -7.75 12.28
C ARG E 63 13.44 -8.49 12.17
N VAL E 64 13.53 -9.66 11.54
CA VAL E 64 12.44 -10.61 11.41
C VAL E 64 12.91 -11.90 12.08
N VAL E 65 12.01 -12.50 12.84
CA VAL E 65 12.22 -13.77 13.53
C VAL E 65 11.12 -14.75 13.06
N MET E 66 11.52 -15.98 12.72
CA MET E 66 10.63 -17.08 12.32
C MET E 66 10.89 -18.28 13.18
N ASN E 67 9.81 -18.99 13.53
CA ASN E 67 9.93 -20.16 14.39
C ASN E 67 8.67 -20.99 14.32
N SER E 68 8.63 -22.03 15.17
CA SER E 68 7.48 -22.90 15.35
C SER E 68 7.37 -23.18 16.85
N ARG E 69 6.14 -23.42 17.33
CA ARG E 69 5.89 -23.78 18.73
C ARG E 69 5.28 -25.17 18.70
N GLU E 70 6.03 -26.15 19.20
CA GLU E 70 5.65 -27.56 19.16
C GLU E 70 5.67 -28.11 20.58
N GLU E 71 4.55 -28.75 20.98
CA GLU E 71 4.33 -29.28 22.33
C GLU E 71 4.46 -28.17 23.39
N GLY E 72 3.94 -26.97 23.05
CA GLY E 72 3.94 -25.76 23.86
C GLY E 72 5.28 -25.06 24.01
N ALA E 73 6.34 -25.53 23.33
CA ALA E 73 7.67 -24.94 23.44
C ALA E 73 8.18 -24.41 22.08
N TRP E 74 8.82 -23.21 22.10
CA TRP E 74 9.43 -22.63 20.91
C TRP E 74 10.64 -23.43 20.47
N LYS E 75 10.80 -23.63 19.16
CA LYS E 75 11.93 -24.40 18.64
C LYS E 75 13.11 -23.48 18.23
N GLN E 76 13.88 -23.87 17.20
CA GLN E 76 15.03 -23.12 16.71
C GLN E 76 14.58 -21.87 15.97
N GLN E 77 15.00 -20.71 16.47
CA GLN E 77 14.67 -19.44 15.86
C GLN E 77 15.49 -19.26 14.58
N VAL E 78 14.86 -18.71 13.55
CA VAL E 78 15.49 -18.34 12.28
C VAL E 78 15.37 -16.81 12.24
N GLU E 79 16.53 -16.12 12.22
CA GLU E 79 16.53 -14.67 12.19
C GLU E 79 16.92 -14.16 10.81
N SER E 80 16.26 -13.09 10.37
CA SER E 80 16.62 -12.39 9.14
C SER E 80 16.78 -10.91 9.47
N LYS E 81 17.80 -10.30 8.89
CA LYS E 81 18.04 -8.89 9.07
C LYS E 81 17.49 -8.11 7.86
N ASN E 82 16.93 -8.82 6.85
CA ASN E 82 16.31 -8.18 5.69
C ASN E 82 15.11 -7.35 6.19
N MET E 83 15.05 -6.07 5.85
CA MET E 83 14.02 -5.13 6.30
C MET E 83 13.45 -4.30 5.11
N PRO E 84 12.63 -4.92 4.23
CA PRO E 84 12.13 -4.14 3.08
C PRO E 84 10.98 -3.18 3.43
N PHE E 85 10.38 -3.32 4.61
CA PHE E 85 9.27 -2.48 5.09
C PHE E 85 9.74 -1.02 5.19
N GLN E 86 8.88 -0.09 4.75
CA GLN E 86 9.20 1.34 4.72
C GLN E 86 8.56 2.05 5.88
N ASP E 87 9.33 2.93 6.52
CA ASP E 87 8.89 3.71 7.67
C ASP E 87 7.68 4.59 7.33
N GLY E 88 6.63 4.45 8.13
CA GLY E 88 5.38 5.21 8.03
C GLY E 88 4.49 4.82 6.87
N GLN E 89 4.76 3.69 6.22
CA GLN E 89 4.00 3.28 5.03
C GLN E 89 3.16 2.02 5.17
N GLU E 90 2.15 1.92 4.32
CA GLU E 90 1.31 0.73 4.18
C GLU E 90 2.20 -0.34 3.49
N PHE E 91 2.04 -1.60 3.87
CA PHE E 91 2.76 -2.72 3.29
C PHE E 91 1.76 -3.77 2.80
N GLU E 92 2.24 -4.67 1.93
CA GLU E 92 1.52 -5.84 1.45
C GLU E 92 2.48 -6.99 1.71
N LEU E 93 2.02 -7.94 2.51
CA LEU E 93 2.73 -9.13 2.92
C LEU E 93 2.01 -10.35 2.34
N SER E 94 2.74 -11.23 1.63
CA SER E 94 2.17 -12.43 1.02
C SER E 94 2.96 -13.65 1.45
N ILE E 95 2.28 -14.68 1.93
CA ILE E 95 2.94 -15.92 2.36
C ILE E 95 2.43 -17.01 1.44
N SER E 96 3.31 -17.55 0.58
CA SER E 96 2.96 -18.63 -0.35
C SER E 96 3.47 -19.96 0.18
N VAL E 97 2.64 -20.99 -0.01
CA VAL E 97 2.94 -22.35 0.45
C VAL E 97 3.52 -23.16 -0.71
N LEU E 98 4.83 -23.43 -0.65
CA LEU E 98 5.54 -24.20 -1.66
C LEU E 98 5.69 -25.64 -1.13
N PRO E 99 6.07 -26.65 -1.96
CA PRO E 99 6.18 -28.02 -1.43
C PRO E 99 7.10 -28.20 -0.22
N ASP E 100 8.22 -27.49 -0.20
CA ASP E 100 9.28 -27.59 0.81
C ASP E 100 9.37 -26.43 1.83
N LYS E 101 8.75 -25.29 1.51
CA LYS E 101 8.85 -24.11 2.37
C LYS E 101 7.71 -23.09 2.18
N TYR E 102 7.70 -22.07 3.04
CA TYR E 102 6.89 -20.87 2.91
C TYR E 102 7.81 -19.86 2.25
N GLN E 103 7.28 -19.12 1.29
CA GLN E 103 7.98 -18.04 0.61
C GLN E 103 7.22 -16.76 0.99
N VAL E 104 7.92 -15.79 1.63
CA VAL E 104 7.30 -14.56 2.11
C VAL E 104 7.69 -13.40 1.18
N MET E 105 6.69 -12.71 0.65
CA MET E 105 6.83 -11.55 -0.23
C MET E 105 6.45 -10.31 0.49
N VAL E 106 7.24 -9.25 0.32
CA VAL E 106 6.95 -7.97 0.94
C VAL E 106 6.92 -6.95 -0.18
N ASN E 107 5.77 -6.33 -0.45
CA ASN E 107 5.62 -5.31 -1.49
C ASN E 107 6.04 -5.83 -2.88
N GLY E 108 5.65 -7.07 -3.18
CA GLY E 108 5.92 -7.78 -4.43
C GLY E 108 7.32 -8.37 -4.57
N GLN E 109 8.13 -8.28 -3.53
CA GLN E 109 9.51 -8.77 -3.56
C GLN E 109 9.69 -9.97 -2.63
N SER E 110 10.31 -11.03 -3.13
CA SER E 110 10.63 -12.23 -2.36
C SER E 110 11.63 -11.83 -1.25
N SER E 111 11.24 -11.96 0.01
CA SER E 111 11.99 -11.42 1.15
C SER E 111 12.46 -12.42 2.20
N TYR E 112 11.66 -13.48 2.51
CA TYR E 112 12.00 -14.48 3.54
C TYR E 112 11.54 -15.87 3.08
N THR E 113 12.20 -16.90 3.58
CA THR E 113 11.81 -18.31 3.38
C THR E 113 11.89 -19.04 4.73
N PHE E 114 11.10 -20.10 4.88
CA PHE E 114 11.07 -20.93 6.07
C PHE E 114 10.69 -22.33 5.66
N ASP E 115 11.62 -23.30 5.83
CA ASP E 115 11.37 -24.69 5.51
C ASP E 115 10.31 -25.29 6.42
N HIS E 116 9.42 -26.12 5.86
CA HIS E 116 8.36 -26.77 6.63
C HIS E 116 8.95 -27.68 7.72
N ARG E 117 8.44 -27.56 8.94
CA ARG E 117 8.82 -28.40 10.07
C ARG E 117 7.67 -29.41 10.33
N ILE E 118 6.44 -28.96 10.06
CA ILE E 118 5.17 -29.70 10.13
C ILE E 118 4.48 -29.42 8.80
N LYS E 119 3.73 -30.36 8.27
CA LYS E 119 3.00 -30.19 7.01
C LYS E 119 2.04 -28.99 7.09
N PRO E 120 1.93 -28.15 6.03
CA PRO E 120 0.98 -27.01 6.07
C PRO E 120 -0.51 -27.43 6.20
N GLU E 121 -0.82 -28.71 5.88
CA GLU E 121 -2.17 -29.27 6.02
C GLU E 121 -2.61 -29.43 7.51
N ALA E 122 -1.66 -29.23 8.46
CA ALA E 122 -1.92 -29.27 9.92
C ALA E 122 -2.50 -27.94 10.40
N VAL E 123 -2.36 -26.86 9.60
CA VAL E 123 -2.86 -25.52 9.91
C VAL E 123 -4.43 -25.53 9.88
N LYS E 124 -5.05 -24.99 10.94
CA LYS E 124 -6.50 -24.88 11.05
C LYS E 124 -6.91 -23.41 11.15
N MET E 125 -6.00 -22.54 11.60
CA MET E 125 -6.31 -21.10 11.68
C MET E 125 -5.08 -20.22 11.58
N VAL E 126 -5.30 -18.98 11.11
CA VAL E 126 -4.28 -17.94 10.98
C VAL E 126 -4.64 -16.79 11.92
N GLN E 127 -3.64 -16.27 12.66
CA GLN E 127 -3.82 -15.11 13.54
C GLN E 127 -2.85 -14.02 13.14
N VAL E 128 -3.35 -12.78 13.02
CA VAL E 128 -2.56 -11.61 12.66
C VAL E 128 -2.72 -10.59 13.79
N TRP E 129 -1.62 -10.19 14.42
CA TRP E 129 -1.72 -9.29 15.55
C TRP E 129 -0.46 -8.44 15.76
N ARG E 130 -0.45 -7.69 16.87
CA ARG E 130 0.53 -6.71 17.33
C ARG E 130 0.22 -5.31 16.70
N ASP E 131 1.22 -4.43 16.57
CA ASP E 131 1.10 -2.98 16.27
C ASP E 131 0.88 -2.58 14.82
N ILE E 132 -0.21 -3.09 14.27
CA ILE E 132 -0.60 -2.75 12.91
C ILE E 132 -2.10 -2.49 12.85
N SER E 133 -2.49 -1.69 11.86
CA SER E 133 -3.87 -1.53 11.47
C SER E 133 -3.96 -2.45 10.26
N LEU E 134 -5.02 -3.26 10.20
CA LEU E 134 -5.19 -4.23 9.14
C LEU E 134 -6.33 -3.82 8.19
N THR E 135 -6.06 -3.73 6.88
CA THR E 135 -7.06 -3.35 5.89
C THR E 135 -7.52 -4.52 5.03
N LYS E 136 -6.69 -5.57 4.91
CA LYS E 136 -7.03 -6.73 4.09
C LYS E 136 -6.37 -8.02 4.59
N PHE E 137 -7.14 -9.10 4.57
CA PHE E 137 -6.70 -10.46 4.89
C PHE E 137 -7.37 -11.36 3.88
N ASN E 138 -6.59 -12.12 3.15
CA ASN E 138 -7.14 -13.01 2.14
C ASN E 138 -6.33 -14.29 2.00
N VAL E 139 -7.03 -15.41 1.84
CA VAL E 139 -6.44 -16.72 1.56
C VAL E 139 -6.82 -17.05 0.11
N SER E 140 -5.82 -17.27 -0.75
CA SER E 140 -6.00 -17.55 -2.17
C SER E 140 -5.11 -18.71 -2.62
N TYR E 141 -4.77 -18.70 -3.93
CA TYR E 141 -3.98 -19.74 -4.60
C TYR E 141 -3.05 -19.19 -5.72
N LEU E 142 -2.06 -20.00 -6.12
CA LEU E 142 -1.13 -19.74 -7.23
C LEU E 142 -1.58 -20.61 -8.41
N LYS E 143 -1.65 -20.02 -9.62
CA LYS E 143 -2.06 -20.70 -10.87
C LYS E 143 -0.89 -21.49 -11.49
N SER F 4 -16.94 0.84 27.72
CA SER F 4 -16.52 1.42 26.45
C SER F 4 -14.99 1.49 26.34
N LEU F 5 -14.44 0.99 25.21
CA LEU F 5 -12.99 0.96 24.96
C LEU F 5 -12.45 2.28 24.42
N LEU F 6 -11.24 2.64 24.87
CA LEU F 6 -10.51 3.83 24.44
C LEU F 6 -9.66 3.48 23.21
N PRO F 7 -9.32 4.45 22.33
CA PRO F 7 -8.47 4.11 21.18
C PRO F 7 -7.06 3.69 21.62
N VAL F 8 -6.43 2.75 20.90
CA VAL F 8 -5.07 2.27 21.18
C VAL F 8 -4.30 2.28 19.84
N PRO F 9 -3.17 3.02 19.67
CA PRO F 9 -2.45 3.87 20.66
C PRO F 9 -3.29 4.99 21.24
N TYR F 10 -3.16 5.21 22.56
CA TYR F 10 -3.88 6.25 23.29
C TYR F 10 -2.91 7.36 23.63
N THR F 11 -3.25 8.58 23.20
CA THR F 11 -2.43 9.76 23.42
C THR F 11 -3.22 10.81 24.18
N GLU F 12 -2.61 11.35 25.25
CA GLU F 12 -3.20 12.42 26.03
C GLU F 12 -2.15 13.46 26.43
N ALA F 13 -2.50 14.76 26.33
CA ALA F 13 -1.64 15.86 26.79
C ALA F 13 -1.69 15.80 28.33
N ALA F 14 -0.52 15.90 28.97
CA ALA F 14 -0.45 15.76 30.43
C ALA F 14 0.59 16.65 31.05
N SER F 15 0.33 17.10 32.29
CA SER F 15 1.24 17.88 33.09
C SER F 15 1.49 17.15 34.38
N LEU F 16 2.77 16.86 34.68
CA LEU F 16 3.13 16.11 35.88
C LEU F 16 4.13 16.78 36.77
N SER F 17 4.00 16.52 38.08
CA SER F 17 4.85 16.96 39.20
C SER F 17 4.57 16.02 40.38
N THR F 18 5.28 16.18 41.50
CA THR F 18 5.15 15.37 42.72
C THR F 18 3.70 15.36 43.18
N GLY F 19 3.13 14.16 43.34
CA GLY F 19 1.75 13.99 43.76
C GLY F 19 0.84 13.58 42.63
N SER F 20 1.31 13.68 41.36
CA SER F 20 0.52 13.28 40.20
C SER F 20 0.46 11.77 40.09
N THR F 21 -0.69 11.25 39.66
CA THR F 21 -0.96 9.83 39.48
C THR F 21 -1.61 9.58 38.13
N VAL F 22 -0.97 8.71 37.31
CA VAL F 22 -1.50 8.29 36.00
C VAL F 22 -2.04 6.87 36.22
N THR F 23 -3.38 6.69 36.13
CA THR F 23 -4.05 5.40 36.33
C THR F 23 -4.57 4.88 35.01
N ILE F 24 -4.26 3.60 34.72
CA ILE F 24 -4.72 2.91 33.53
C ILE F 24 -5.39 1.60 33.92
N LYS F 25 -6.52 1.30 33.25
CA LYS F 25 -7.25 0.05 33.43
C LYS F 25 -7.39 -0.59 32.05
N GLY F 26 -6.95 -1.82 31.94
CA GLY F 26 -6.97 -2.52 30.66
C GLY F 26 -6.86 -4.02 30.77
N ARG F 27 -6.82 -4.68 29.61
CA ARG F 27 -6.73 -6.13 29.53
C ARG F 27 -5.80 -6.53 28.37
N PRO F 28 -4.87 -7.49 28.56
CA PRO F 28 -4.05 -7.92 27.40
C PRO F 28 -4.92 -8.56 26.30
N LEU F 29 -4.54 -8.38 25.05
CA LEU F 29 -5.29 -8.91 23.89
C LEU F 29 -4.98 -10.41 23.59
N ALA F 30 -4.00 -11.00 24.29
CA ALA F 30 -3.61 -12.40 24.10
C ALA F 30 -3.27 -13.02 25.45
N CYS F 31 -3.29 -14.35 25.52
CA CYS F 31 -2.90 -15.12 26.70
C CYS F 31 -1.38 -14.93 26.89
N PHE F 32 -0.90 -15.07 28.12
CA PHE F 32 0.51 -14.86 28.46
C PHE F 32 1.47 -15.79 27.72
N LEU F 33 1.00 -17.01 27.31
CA LEU F 33 1.81 -17.92 26.53
C LEU F 33 2.31 -17.23 25.22
N ASN F 34 1.46 -16.37 24.63
CA ASN F 34 1.72 -15.65 23.37
C ASN F 34 2.48 -14.34 23.56
N GLU F 35 2.82 -14.00 24.81
CA GLU F 35 3.61 -12.84 25.22
C GLU F 35 3.12 -11.50 24.64
N PRO F 36 1.88 -11.06 24.99
CA PRO F 36 1.45 -9.73 24.57
C PRO F 36 2.29 -8.66 25.31
N TYR F 37 2.38 -7.47 24.73
CA TYR F 37 3.10 -6.35 25.34
C TYR F 37 2.16 -5.23 25.77
N LEU F 38 2.64 -4.39 26.70
CA LEU F 38 2.04 -3.13 27.13
C LEU F 38 3.17 -2.11 27.16
N GLN F 39 2.94 -0.93 26.62
CA GLN F 39 3.93 0.14 26.66
C GLN F 39 3.28 1.45 27.09
N VAL F 40 3.89 2.12 28.08
CA VAL F 40 3.48 3.43 28.60
C VAL F 40 4.70 4.33 28.46
N ASP F 41 4.55 5.44 27.71
CA ASP F 41 5.64 6.39 27.49
C ASP F 41 5.25 7.80 27.88
N PHE F 42 6.11 8.46 28.67
CA PHE F 42 5.96 9.85 29.11
C PHE F 42 6.88 10.65 28.23
N HIS F 43 6.30 11.36 27.24
CA HIS F 43 7.04 12.16 26.25
C HIS F 43 7.23 13.64 26.63
N THR F 44 8.33 14.25 26.14
CA THR F 44 8.66 15.67 26.33
C THR F 44 7.89 16.59 25.37
N GLU F 45 7.38 16.05 24.25
CA GLU F 45 6.63 16.83 23.26
C GLU F 45 5.41 16.05 22.72
N MET F 46 4.49 16.74 22.02
CA MET F 46 3.30 16.15 21.39
C MET F 46 3.70 15.51 20.04
N LYS F 47 4.74 14.67 20.06
CA LYS F 47 5.32 13.97 18.89
C LYS F 47 5.80 12.62 19.38
N GLU F 48 5.45 11.54 18.66
CA GLU F 48 5.83 10.17 19.07
C GLU F 48 7.35 9.91 18.98
N GLU F 49 8.06 10.69 18.17
CA GLU F 49 9.52 10.58 17.99
C GLU F 49 10.29 11.45 19.02
N SER F 50 9.57 12.18 19.89
CA SER F 50 10.19 13.03 20.91
C SER F 50 10.83 12.20 22.01
N ASP F 51 11.67 12.85 22.83
CA ASP F 51 12.35 12.22 23.94
C ASP F 51 11.35 11.66 24.95
N ILE F 52 11.74 10.59 25.63
CA ILE F 52 10.89 9.87 26.58
C ILE F 52 11.52 9.95 27.95
N VAL F 53 10.82 10.61 28.88
CA VAL F 53 11.25 10.80 30.27
C VAL F 53 11.20 9.46 31.03
N PHE F 54 10.11 8.70 30.79
CA PHE F 54 9.86 7.43 31.42
C PHE F 54 9.17 6.51 30.45
N HIS F 55 9.81 5.39 30.16
CA HIS F 55 9.32 4.34 29.28
C HIS F 55 9.10 3.10 30.18
N PHE F 56 7.89 2.55 30.18
CA PHE F 56 7.53 1.39 30.98
C PHE F 56 6.97 0.35 30.02
N GLN F 57 7.69 -0.78 29.87
CA GLN F 57 7.27 -1.81 28.93
C GLN F 57 7.14 -3.18 29.55
N VAL F 58 5.91 -3.73 29.50
CA VAL F 58 5.64 -5.05 30.01
C VAL F 58 5.60 -6.06 28.88
N CYS F 59 6.30 -7.17 29.07
CA CYS F 59 6.13 -8.33 28.21
C CYS F 59 5.44 -9.29 29.15
N PHE F 60 4.09 -9.35 29.07
CA PHE F 60 3.24 -10.14 29.95
C PHE F 60 3.68 -11.60 29.95
N GLY F 61 3.89 -12.14 31.15
CA GLY F 61 4.36 -13.49 31.35
C GLY F 61 5.86 -13.65 31.13
N ARG F 62 6.62 -12.51 31.06
CA ARG F 62 8.05 -12.55 30.84
C ARG F 62 8.87 -11.55 31.71
N ARG F 63 8.81 -10.28 31.40
CA ARG F 63 9.61 -9.31 32.14
C ARG F 63 9.10 -7.91 31.93
N VAL F 64 9.60 -6.98 32.76
CA VAL F 64 9.33 -5.55 32.65
C VAL F 64 10.64 -4.81 32.39
N VAL F 65 10.63 -3.89 31.43
CA VAL F 65 11.79 -3.07 31.06
C VAL F 65 11.41 -1.59 31.21
N MET F 66 12.29 -0.81 31.84
CA MET F 66 12.12 0.63 32.03
C MET F 66 13.36 1.35 31.53
N ASN F 67 13.17 2.50 30.89
CA ASN F 67 14.27 3.28 30.36
C ASN F 67 13.80 4.71 30.04
N SER F 68 14.68 5.49 29.45
CA SER F 68 14.43 6.84 28.98
C SER F 68 15.12 6.95 27.62
N ARG F 69 14.58 7.82 26.75
CA ARG F 69 15.16 8.10 25.45
C ARG F 69 15.51 9.58 25.45
N GLU F 70 16.81 9.89 25.40
CA GLU F 70 17.33 11.25 25.47
C GLU F 70 18.18 11.53 24.26
N GLU F 71 17.90 12.65 23.56
CA GLU F 71 18.55 13.06 22.30
C GLU F 71 18.42 11.94 21.23
N GLY F 72 17.25 11.29 21.20
CA GLY F 72 16.91 10.20 20.28
C GLY F 72 17.55 8.86 20.55
N ALA F 73 18.30 8.73 21.66
CA ALA F 73 18.99 7.49 22.01
C ALA F 73 18.54 6.92 23.36
N TRP F 74 18.29 5.61 23.41
CA TRP F 74 17.89 4.90 24.63
C TRP F 74 19.05 4.86 25.61
N LYS F 75 18.78 5.07 26.88
CA LYS F 75 19.82 5.07 27.91
C LYS F 75 19.99 3.69 28.57
N GLN F 76 20.35 3.64 29.87
CA GLN F 76 20.55 2.41 30.63
C GLN F 76 19.20 1.77 30.94
N GLN F 77 19.01 0.55 30.47
CA GLN F 77 17.78 -0.22 30.71
C GLN F 77 17.76 -0.72 32.15
N VAL F 78 16.58 -0.66 32.77
CA VAL F 78 16.31 -1.19 34.11
C VAL F 78 15.34 -2.36 33.87
N GLU F 79 15.75 -3.57 34.27
CA GLU F 79 14.89 -4.73 34.08
C GLU F 79 14.30 -5.23 35.41
N SER F 80 13.03 -5.66 35.40
CA SER F 80 12.40 -6.31 36.54
C SER F 80 11.74 -7.59 36.07
N LYS F 81 11.86 -8.65 36.86
CA LYS F 81 11.23 -9.94 36.54
C LYS F 81 9.96 -10.11 37.35
N ASN F 82 9.62 -9.09 38.20
CA ASN F 82 8.36 -9.09 38.96
C ASN F 82 7.19 -9.08 37.95
N MET F 83 6.26 -10.04 38.10
CA MET F 83 5.14 -10.23 37.19
C MET F 83 3.82 -10.42 37.93
N PRO F 84 3.25 -9.35 38.56
CA PRO F 84 2.00 -9.52 39.32
C PRO F 84 0.76 -9.68 38.44
N PHE F 85 0.85 -9.30 37.15
CA PHE F 85 -0.26 -9.38 36.21
C PHE F 85 -0.76 -10.84 36.10
N GLN F 86 -2.11 -11.00 36.03
CA GLN F 86 -2.75 -12.33 35.96
C GLN F 86 -3.16 -12.63 34.54
N ASP F 87 -2.88 -13.86 34.11
CA ASP F 87 -3.18 -14.34 32.77
C ASP F 87 -4.68 -14.28 32.47
N GLY F 88 -5.01 -13.62 31.36
CA GLY F 88 -6.37 -13.44 30.84
C GLY F 88 -7.24 -12.49 31.63
N GLN F 89 -6.63 -11.67 32.51
CA GLN F 89 -7.43 -10.80 33.37
C GLN F 89 -7.21 -9.31 33.12
N GLU F 90 -8.19 -8.53 33.51
CA GLU F 90 -8.13 -7.08 33.51
C GLU F 90 -7.15 -6.67 34.65
N PHE F 91 -6.36 -5.62 34.42
CA PHE F 91 -5.44 -5.10 35.41
C PHE F 91 -5.75 -3.60 35.65
N GLU F 92 -5.25 -3.08 36.78
CA GLU F 92 -5.24 -1.67 37.11
C GLU F 92 -3.80 -1.34 37.41
N LEU F 93 -3.28 -0.36 36.70
CA LEU F 93 -1.91 0.10 36.82
C LEU F 93 -1.93 1.56 37.22
N SER F 94 -1.14 1.93 38.22
CA SER F 94 -1.01 3.29 38.71
C SER F 94 0.45 3.69 38.73
N ILE F 95 0.77 4.82 38.11
CA ILE F 95 2.12 5.40 38.12
C ILE F 95 2.00 6.68 38.95
N SER F 96 2.71 6.73 40.09
CA SER F 96 2.70 7.89 40.98
C SER F 96 4.02 8.58 40.90
N VAL F 97 3.96 9.92 40.84
CA VAL F 97 5.14 10.78 40.78
C VAL F 97 5.53 11.20 42.20
N LEU F 98 6.64 10.63 42.70
CA LEU F 98 7.22 10.93 44.01
C LEU F 98 8.39 11.93 43.82
N PRO F 99 8.96 12.59 44.88
CA PRO F 99 10.04 13.56 44.65
C PRO F 99 11.26 13.07 43.86
N ASP F 100 11.69 11.83 44.16
CA ASP F 100 12.88 11.17 43.63
C ASP F 100 12.63 10.07 42.58
N LYS F 101 11.41 9.48 42.53
CA LYS F 101 11.12 8.36 41.63
C LYS F 101 9.67 8.19 41.21
N TYR F 102 9.43 7.30 40.23
CA TYR F 102 8.09 6.87 39.83
C TYR F 102 7.84 5.60 40.63
N GLN F 103 6.64 5.47 41.21
CA GLN F 103 6.24 4.29 41.95
C GLN F 103 5.09 3.67 41.17
N VAL F 104 5.28 2.43 40.68
CA VAL F 104 4.30 1.72 39.86
C VAL F 104 3.57 0.64 40.66
N MET F 105 2.23 0.77 40.73
CA MET F 105 1.33 -0.15 41.41
C MET F 105 0.55 -0.96 40.43
N VAL F 106 0.45 -2.28 40.70
CA VAL F 106 -0.32 -3.20 39.90
C VAL F 106 -1.33 -3.86 40.81
N ASN F 107 -2.62 -3.64 40.53
CA ASN F 107 -3.73 -4.20 41.29
C ASN F 107 -3.60 -3.88 42.81
N GLY F 108 -3.23 -2.63 43.10
CA GLY F 108 -3.07 -2.11 44.45
C GLY F 108 -1.77 -2.45 45.16
N GLN F 109 -0.87 -3.20 44.48
CA GLN F 109 0.40 -3.64 45.04
C GLN F 109 1.57 -2.87 44.43
N SER F 110 2.45 -2.32 45.27
CA SER F 110 3.66 -1.62 44.83
C SER F 110 4.56 -2.66 44.14
N SER F 111 4.82 -2.45 42.84
CA SER F 111 5.49 -3.44 42.00
C SER F 111 6.81 -3.02 41.33
N TYR F 112 6.95 -1.73 40.90
CA TYR F 112 8.15 -1.24 40.21
C TYR F 112 8.46 0.19 40.62
N THR F 113 9.75 0.57 40.54
CA THR F 113 10.24 1.93 40.82
C THR F 113 11.26 2.30 39.76
N PHE F 114 11.36 3.60 39.48
CA PHE F 114 12.29 4.16 38.50
C PHE F 114 12.66 5.55 38.94
N ASP F 115 13.95 5.77 39.29
CA ASP F 115 14.44 7.09 39.71
C ASP F 115 14.39 8.07 38.55
N HIS F 116 14.06 9.33 38.85
CA HIS F 116 14.00 10.38 37.83
C HIS F 116 15.36 10.65 37.21
N ARG F 117 15.38 10.72 35.89
CA ARG F 117 16.57 11.04 35.10
C ARG F 117 16.41 12.46 34.57
N ILE F 118 15.16 12.86 34.31
CA ILE F 118 14.70 14.17 33.85
C ILE F 118 13.52 14.48 34.76
N LYS F 119 13.36 15.77 35.13
CA LYS F 119 12.24 16.23 35.95
C LYS F 119 10.89 15.84 35.33
N PRO F 120 9.92 15.28 36.11
CA PRO F 120 8.61 14.94 35.55
C PRO F 120 7.84 16.13 34.95
N GLU F 121 8.30 17.38 35.24
CA GLU F 121 7.71 18.62 34.74
C GLU F 121 8.03 18.86 33.26
N ALA F 122 8.93 18.04 32.69
CA ALA F 122 9.31 18.06 31.27
C ALA F 122 8.29 17.28 30.41
N VAL F 123 7.46 16.42 31.03
CA VAL F 123 6.43 15.62 30.36
C VAL F 123 5.31 16.53 29.82
N LYS F 124 4.96 16.35 28.55
CA LYS F 124 3.89 17.08 27.88
C LYS F 124 2.80 16.12 27.38
N MET F 125 3.18 14.84 27.15
CA MET F 125 2.29 13.84 26.59
C MET F 125 2.48 12.44 27.24
N VAL F 126 1.39 11.68 27.32
CA VAL F 126 1.43 10.27 27.76
C VAL F 126 0.86 9.43 26.61
N GLN F 127 1.56 8.34 26.25
CA GLN F 127 1.09 7.41 25.23
C GLN F 127 1.00 6.02 25.83
N VAL F 128 -0.14 5.35 25.61
CA VAL F 128 -0.38 3.96 26.07
C VAL F 128 -0.64 3.13 24.82
N TRP F 129 0.17 2.10 24.59
CA TRP F 129 -0.01 1.30 23.38
C TRP F 129 0.48 -0.16 23.54
N ARG F 130 0.49 -0.88 22.42
CA ARG F 130 0.82 -2.31 22.24
C ARG F 130 -0.46 -3.18 22.46
N ASP F 131 -0.32 -4.45 22.87
CA ASP F 131 -1.36 -5.50 22.88
C ASP F 131 -2.32 -5.50 24.06
N ILE F 132 -3.02 -4.39 24.26
CA ILE F 132 -4.01 -4.25 25.30
C ILE F 132 -5.26 -3.57 24.77
N SER F 133 -6.41 -3.82 25.42
CA SER F 133 -7.65 -3.08 25.23
C SER F 133 -7.66 -2.15 26.45
N LEU F 134 -7.99 -0.88 26.26
CA LEU F 134 -7.94 0.10 27.34
C LEU F 134 -9.36 0.57 27.72
N THR F 135 -9.73 0.49 29.02
CA THR F 135 -11.06 0.92 29.48
C THR F 135 -11.02 2.23 30.26
N LYS F 136 -9.86 2.61 30.81
CA LYS F 136 -9.74 3.83 31.60
C LYS F 136 -8.34 4.40 31.55
N PHE F 137 -8.25 5.72 31.44
CA PHE F 137 -7.01 6.50 31.51
C PHE F 137 -7.34 7.75 32.30
N ASN F 138 -6.60 8.00 33.39
CA ASN F 138 -6.85 9.17 34.21
C ASN F 138 -5.59 9.76 34.83
N VAL F 139 -5.40 11.08 34.69
CA VAL F 139 -4.32 11.83 35.33
C VAL F 139 -4.97 12.56 36.52
N SER F 140 -4.48 12.29 37.74
CA SER F 140 -5.01 12.89 38.96
C SER F 140 -3.90 13.41 39.84
C1 PGE G . 23.67 8.80 -9.20
O1 PGE G . 24.89 8.09 -9.02
C2 PGE G . 22.48 7.88 -9.25
O2 PGE G . 22.60 7.01 -10.36
C3 PGE G . 21.61 6.00 -10.41
C4 PGE G . 21.43 5.58 -11.83
O4 PGE G . 24.99 4.60 -14.13
C6 PGE G . 23.74 5.19 -14.42
C5 PGE G . 22.64 4.56 -13.60
O3 PGE G . 22.67 5.08 -12.28
C1 PGE H . 13.12 -14.26 -8.41
O1 PGE H . 12.79 -15.41 -7.65
C2 PGE H . 14.58 -13.90 -8.32
O2 PGE H . 14.86 -13.32 -7.06
C3 PGE H . 16.26 -13.15 -6.84
C4 PGE H . 16.56 -12.63 -5.45
O4 PGE H . 16.52 -15.28 -2.09
C6 PGE H . 17.37 -15.47 -3.23
C5 PGE H . 17.63 -14.19 -3.98
O3 PGE H . 16.40 -13.64 -4.47
O1 PG4 I . 20.81 -21.33 -21.88
C1 PG4 I . 22.08 -20.78 -22.26
C2 PG4 I . 22.03 -19.27 -22.34
O2 PG4 I . 21.71 -18.73 -21.07
C3 PG4 I . 22.44 -17.56 -20.74
C4 PG4 I . 22.22 -17.26 -19.29
O3 PG4 I . 22.71 -15.98 -18.98
C5 PG4 I . 22.30 -15.49 -17.70
C6 PG4 I . 22.86 -14.10 -17.46
O4 PG4 I . 22.36 -13.19 -18.43
C7 PG4 I . 22.31 -11.83 -18.01
C8 PG4 I . 23.01 -10.94 -19.01
O5 PG4 I . 22.39 -10.90 -20.28
C1 PGE J . 23.07 1.05 -24.75
O1 PGE J . 23.09 1.59 -26.08
C2 PGE J . 24.17 0.06 -24.49
O2 PGE J . 24.53 0.10 -23.11
C3 PGE J . 24.39 -1.14 -22.42
C4 PGE J . 24.85 -1.02 -20.99
O4 PGE J . 23.37 2.28 -18.59
C6 PGE J . 23.40 0.91 -18.21
C5 PGE J . 24.46 0.11 -18.93
O3 PGE J . 24.14 0.01 -20.31
C1 PGE K . -3.16 8.52 -24.08
O1 PGE K . -2.84 9.91 -24.02
C2 PGE K . -2.28 7.70 -23.18
O2 PGE K . -3.06 6.85 -22.35
C3 PGE K . -2.29 6.23 -21.33
C4 PGE K . -2.62 6.81 -19.99
O4 PGE K . -1.30 9.67 -16.90
C6 PGE K . -1.78 8.40 -17.32
C5 PGE K . -1.06 7.92 -18.57
O3 PGE K . -1.58 6.67 -19.03
C1 PGE L . -33.54 5.35 -32.00
O1 PGE L . -33.98 6.43 -31.18
C2 PGE L . -32.06 5.44 -32.25
O2 PGE L . -31.56 4.20 -32.75
C3 PGE L . -30.24 3.90 -32.33
C4 PGE L . -29.94 2.45 -32.48
O4 PGE L . -31.70 -1.14 -31.16
C6 PGE L . -31.93 0.07 -30.46
C5 PGE L . -30.86 1.07 -30.75
O3 PGE L . -31.01 1.63 -32.06
O1 P6G M . -2.57 -15.14 19.70
C2 P6G M . -2.99 -13.85 19.23
C3 P6G M . -4.02 -13.27 20.18
O4 P6G M . -5.17 -14.10 20.21
C5 P6G M . -6.31 -13.37 20.66
C6 P6G M . -7.58 -13.87 19.99
O7 P6G M . -7.62 -15.30 20.07
C8 P6G M . -8.86 -15.79 19.56
C9 P6G M . -8.74 -17.27 19.25
O10 P6G M . -9.88 -17.61 18.48
C11 P6G M . -10.22 -18.98 18.62
C12 P6G M . -11.02 -19.49 17.43
O13 P6G M . -11.91 -18.51 16.93
C14 P6G M . -13.09 -19.06 16.32
C15 P6G M . -13.33 -18.47 14.93
O16 P6G M . -12.90 -17.10 14.85
C17 P6G M . -13.86 -16.25 14.23
C18 P6G M . -13.58 -14.79 14.59
O19 P6G M . -14.78 -14.14 14.99
C1 PGE N . -11.36 -2.59 14.53
O1 PGE N . -12.08 -2.02 13.43
C2 PGE N . -9.93 -2.17 14.54
O2 PGE N . -9.35 -2.47 15.80
C3 PGE N . -8.84 -1.33 16.48
C4 PGE N . -8.96 -1.49 17.97
O4 PGE N . -11.58 0.32 19.88
C6 PGE N . -10.28 0.89 20.04
C5 PGE N . -9.20 -0.15 19.95
O3 PGE N . -8.70 -0.24 18.62
C1 PGE O . -6.57 13.53 21.19
O1 PGE O . -6.54 12.60 20.12
C2 PGE O . -5.20 13.84 21.71
O2 PGE O . -4.41 14.39 20.67
C3 PGE O . -3.23 15.03 21.12
C4 PGE O . -2.26 15.20 19.99
O4 PGE O . 1.29 12.30 18.61
C6 PGE O . -0.11 12.54 18.64
C5 PGE O . -0.43 13.88 19.23
O3 PGE O . -1.82 13.93 19.52
C1 PGE P . 0.01 8.32 17.67
O1 PGE P . 0.95 9.38 17.86
C2 PGE P . 0.67 7.07 17.18
O2 PGE P . 1.88 6.81 17.89
C3 PGE P . 1.75 5.73 18.78
C4 PGE P . 3.07 5.19 19.14
O4 PGE P . 6.38 6.24 22.34
C6 PGE P . 5.02 6.24 21.94
C5 PGE P . 4.85 5.59 20.60
O3 PGE P . 3.76 6.15 19.90
#